data_5LTA
#
_entry.id   5LTA
#
_cell.length_a   106.392
_cell.length_b   106.392
_cell.length_c   356.698
_cell.angle_alpha   90.00
_cell.angle_beta   90.00
_cell.angle_gamma   120.00
#
_symmetry.space_group_name_H-M   'P 61 2 2'
#
loop_
_entity.id
_entity.type
_entity.pdbx_description
1 polymer 'Pre-mRNA-splicing factor ATP-dependent RNA helicase PRP43'
2 polymer "RNA (5'-R(P*UP*UP*UP*UP*UP*UP*UP*U)-3')"
3 non-polymer "ADENOSINE-5'-DIPHOSPHATE"
4 non-polymer 'MAGNESIUM ION'
5 non-polymer 'BERYLLIUM TRIFLUORIDE ION'
6 non-polymer 'CACODYLATE ION'
7 water water
#
loop_
_entity_poly.entity_id
_entity_poly.type
_entity_poly.pdbx_seq_one_letter_code
_entity_poly.pdbx_strand_id
1 'polypeptide(L)'
;MATTAKQAEAVEDSDINPWTGQRHSERYFKILKARRKLPVNKQRQEFLDLYHNNQILVFVGETGSGKTTQIPQYVLYDEL
PHQTGKLIACTQPRRVAAMSVAQRVADELDVKLGEEVGYSIRFENKTSSKTLLKYMTDGQLLREAMHDRDMSRYSCIILD
EAHERTLATDILMALLKQLSERRKDLKIIVMSATLDAQKFQSYFFNAPLLAVPGRTHPVEIFYTPEAERDYVEAAIRTVL
QIHACEPEGDILLFLTGEEEIEDACRRISLEVDEMIRESDAGPMSVYPLYGTLPPHQQQRIFEKAPQPFRPGGRPGRKCI
VATNIAETSLTIDGIVYVVDPGFSKQKIYNPRTRVESLLVSPISKASAQQRAGRAGRTRPGKCFRLYTEEAFKKELIEQT
YPEILRSNLSNTVLELKKLGVEDLVHFDLMDPPAPETMMRALEELNYLACLDDDGELTPLGNLASEFPLDPALAVMLISS
PEFYCSNEILSITSLLSVPQIWVRPANARKRADEMKAQFAHPDGDHLTLLNAYHAYKGAEARGEDMKKWCHEHFLSYRHL
SSADNVRAQLKKIMETHGIELVSTPFHDKNYYTNIRRALLAGFFMQVAMRESSNSKVYKTVKDEQLVLIHPSTTVTTPYE
WVVYNEFVLTTKQYVRTVTNIRPEWLLEIAPVYYDLSTFQKGEIKNALTRVAEKIRRQQAMKASKAWSHPQFEK
;
A
2 'polyribonucleotide' UUUUUUUUUUUUUUUU E
#
# COMPACT_ATOMS: atom_id res chain seq x y z
N THR A 3 24.12 11.48 27.89
CA THR A 3 22.97 10.65 28.27
C THR A 3 21.83 11.48 28.83
N THR A 4 22.12 12.73 29.17
CA THR A 4 21.07 13.67 29.55
C THR A 4 20.88 14.70 28.44
N ALA A 5 19.81 15.47 28.52
CA ALA A 5 19.43 16.40 27.45
C ALA A 5 20.47 17.49 27.22
N LYS A 6 21.00 18.07 28.29
CA LYS A 6 21.91 19.19 28.18
C LYS A 6 23.29 18.77 27.69
N GLN A 7 23.67 17.53 27.99
CA GLN A 7 24.93 16.99 27.49
C GLN A 7 24.84 16.74 26.00
N ALA A 8 23.72 16.17 25.56
CA ALA A 8 23.48 15.88 24.16
C ALA A 8 23.44 17.16 23.34
N GLU A 9 22.85 18.20 23.90
CA GLU A 9 22.76 19.50 23.23
C GLU A 9 24.14 20.11 23.03
N ALA A 10 25.05 19.82 23.94
CA ALA A 10 26.43 20.30 23.84
C ALA A 10 27.13 19.65 22.66
N VAL A 11 26.85 18.37 22.43
CA VAL A 11 27.41 17.63 21.31
C VAL A 11 26.86 18.18 20.00
N GLU A 12 25.57 18.55 20.01
CA GLU A 12 24.91 19.09 18.83
C GLU A 12 25.46 20.45 18.43
N ASP A 13 26.04 21.16 19.40
CA ASP A 13 26.58 22.50 19.17
C ASP A 13 28.03 22.47 18.75
N SER A 14 28.64 21.28 18.79
CA SER A 14 30.03 21.10 18.39
C SER A 14 30.24 21.56 16.96
N ASP A 15 31.40 22.15 16.69
CA ASP A 15 31.73 22.64 15.37
C ASP A 15 31.93 21.49 14.37
N ILE A 16 32.18 20.30 14.91
CA ILE A 16 32.43 19.13 14.07
C ILE A 16 31.33 18.07 14.24
N ASN A 17 30.97 17.43 13.14
CA ASN A 17 29.92 16.42 13.13
C ASN A 17 30.41 15.08 13.66
N PRO A 18 29.81 14.61 14.76
CA PRO A 18 30.20 13.35 15.41
C PRO A 18 30.03 12.13 14.52
N TRP A 19 29.14 12.23 13.54
CA TRP A 19 28.77 11.07 12.74
C TRP A 19 29.62 10.91 11.48
N THR A 20 30.26 11.98 11.04
CA THR A 20 31.06 11.95 9.83
C THR A 20 32.53 12.27 10.09
N GLY A 21 32.80 12.97 11.18
CA GLY A 21 34.14 13.40 11.50
C GLY A 21 34.52 14.62 10.68
N GLN A 22 33.50 15.29 10.14
CA GLN A 22 33.69 16.49 9.34
C GLN A 22 32.96 17.67 9.97
N ARG A 23 33.27 18.88 9.50
CA ARG A 23 32.70 20.09 10.07
C ARG A 23 31.22 20.25 9.74
N HIS A 24 30.45 20.72 10.72
CA HIS A 24 29.04 21.01 10.51
C HIS A 24 28.86 22.19 9.56
N SER A 25 27.89 22.07 8.65
CA SER A 25 27.58 23.16 7.73
C SER A 25 26.86 24.28 8.45
N GLU A 26 26.72 25.43 7.78
CA GLU A 26 26.02 26.56 8.38
C GLU A 26 24.51 26.36 8.31
N ARG A 27 24.06 25.54 7.36
CA ARG A 27 22.65 25.19 7.27
C ARG A 27 22.23 24.38 8.48
N TYR A 28 23.11 23.48 8.91
CA TYR A 28 22.85 22.62 10.06
C TYR A 28 22.50 23.42 11.31
N PHE A 29 23.25 24.50 11.54
CA PHE A 29 23.09 25.28 12.76
C PHE A 29 21.82 26.13 12.75
N LYS A 30 21.36 26.52 11.56
CA LYS A 30 20.11 27.28 11.47
C LYS A 30 18.92 26.35 11.66
N ILE A 31 19.01 25.15 11.09
CA ILE A 31 17.98 24.15 11.26
C ILE A 31 17.90 23.73 12.73
N LEU A 32 19.07 23.55 13.35
CA LEU A 32 19.16 23.20 14.76
C LEU A 32 18.49 24.25 15.64
N LYS A 33 18.66 25.52 15.27
CA LYS A 33 18.08 26.62 16.02
C LYS A 33 16.55 26.58 15.97
N ALA A 34 16.01 26.24 14.79
CA ALA A 34 14.57 26.14 14.61
C ALA A 34 14.04 24.88 15.29
N ARG A 35 14.84 23.83 15.30
CA ARG A 35 14.45 22.55 15.88
C ARG A 35 14.21 22.64 17.39
N ARG A 36 14.97 23.48 18.06
CA ARG A 36 14.90 23.59 19.51
C ARG A 36 13.73 24.47 19.96
N LYS A 37 12.96 24.96 18.99
CA LYS A 37 11.76 25.73 19.29
C LYS A 37 10.52 24.82 19.18
N LEU A 38 10.75 23.57 18.80
CA LEU A 38 9.68 22.58 18.70
C LEU A 38 9.22 22.13 20.09
N PRO A 39 7.92 21.79 20.22
CA PRO A 39 7.32 21.34 21.48
C PRO A 39 8.00 20.14 22.14
N VAL A 40 8.37 19.13 21.35
CA VAL A 40 8.99 17.93 21.90
C VAL A 40 10.35 18.22 22.52
N ASN A 41 10.98 19.30 22.08
CA ASN A 41 12.30 19.68 22.57
C ASN A 41 12.26 20.14 24.02
N LYS A 42 11.11 20.65 24.44
CA LYS A 42 10.94 21.11 25.81
C LYS A 42 10.97 19.94 26.80
N GLN A 43 10.46 18.78 26.36
CA GLN A 43 10.35 17.63 27.23
C GLN A 43 11.33 16.52 26.85
N ARG A 44 12.49 16.91 26.34
CA ARG A 44 13.49 15.94 25.92
C ARG A 44 14.02 15.12 27.09
N GLN A 45 14.27 15.79 28.21
CA GLN A 45 14.76 15.12 29.41
C GLN A 45 13.71 14.18 29.98
N GLU A 46 12.45 14.61 29.94
CA GLU A 46 11.35 13.80 30.44
C GLU A 46 11.18 12.55 29.58
N PHE A 47 11.53 12.66 28.31
CA PHE A 47 11.54 11.51 27.41
C PHE A 47 12.69 10.57 27.76
N LEU A 48 13.86 11.15 27.96
CA LEU A 48 15.08 10.38 28.18
C LEU A 48 15.01 9.48 29.41
N ASP A 49 14.57 10.03 30.54
CA ASP A 49 14.52 9.25 31.77
C ASP A 49 13.37 8.24 31.76
N LEU A 50 12.39 8.46 30.89
CA LEU A 50 11.32 7.49 30.68
C LEU A 50 11.82 6.39 29.75
N TYR A 51 12.59 6.79 28.75
CA TYR A 51 13.18 5.85 27.79
C TYR A 51 14.16 4.91 28.49
N HIS A 52 14.89 5.44 29.47
CA HIS A 52 15.87 4.65 30.21
C HIS A 52 15.20 3.67 31.17
N ASN A 53 14.17 4.13 31.86
CA ASN A 53 13.54 3.33 32.92
C ASN A 53 12.46 2.40 32.43
N ASN A 54 12.16 2.45 31.13
CA ASN A 54 11.11 1.60 30.57
C ASN A 54 11.50 1.02 29.21
N GLN A 55 10.94 -0.16 28.91
CA GLN A 55 11.25 -0.85 27.67
C GLN A 55 10.29 -0.44 26.56
N ILE A 56 9.01 -0.32 26.89
CA ILE A 56 8.01 0.11 25.92
C ILE A 56 7.40 1.45 26.34
N LEU A 57 7.30 2.37 25.38
CA LEU A 57 6.81 3.72 25.66
C LEU A 57 5.82 4.20 24.62
N VAL A 58 4.75 4.84 25.08
CA VAL A 58 3.78 5.45 24.17
C VAL A 58 3.98 6.96 24.13
N PHE A 59 4.09 7.51 22.92
CA PHE A 59 4.40 8.92 22.74
C PHE A 59 3.30 9.64 21.96
N VAL A 60 2.68 10.64 22.59
CA VAL A 60 1.62 11.40 21.94
C VAL A 60 1.95 12.89 21.91
N GLY A 61 1.74 13.50 20.74
CA GLY A 61 1.95 14.92 20.57
C GLY A 61 1.25 15.39 19.31
N GLU A 62 0.83 16.65 19.29
CA GLU A 62 0.09 17.21 18.15
C GLU A 62 0.84 17.07 16.82
N THR A 63 0.11 17.18 15.71
CA THR A 63 0.74 17.19 14.40
C THR A 63 1.60 18.45 14.25
N GLY A 64 2.88 18.25 13.99
CA GLY A 64 3.82 19.36 13.93
C GLY A 64 4.78 19.35 15.10
N SER A 65 4.50 18.49 16.08
CA SER A 65 5.19 18.50 17.37
C SER A 65 6.70 18.26 17.27
N GLY A 66 7.10 17.28 16.47
CA GLY A 66 8.51 16.95 16.33
C GLY A 66 8.80 15.48 16.59
N LYS A 67 7.74 14.68 16.75
CA LYS A 67 7.86 13.27 17.07
C LYS A 67 8.75 12.49 16.08
N THR A 68 8.34 12.48 14.82
CA THR A 68 8.97 11.64 13.81
C THR A 68 10.44 12.01 13.54
N THR A 69 10.74 13.29 13.53
CA THR A 69 12.08 13.75 13.16
C THR A 69 13.05 13.88 14.33
N GLN A 70 12.54 14.28 15.49
CA GLN A 70 13.36 14.48 16.69
C GLN A 70 13.60 13.29 17.62
N ILE A 71 12.57 12.49 17.87
CA ILE A 71 12.67 11.35 18.79
C ILE A 71 13.72 10.31 18.36
N PRO A 72 13.75 9.91 17.07
CA PRO A 72 14.84 8.98 16.70
C PRO A 72 16.23 9.60 16.88
N GLN A 73 16.34 10.91 16.72
CA GLN A 73 17.61 11.59 16.92
C GLN A 73 17.96 11.64 18.42
N TYR A 74 16.93 11.78 19.25
CA TYR A 74 17.12 11.74 20.69
C TYR A 74 17.67 10.39 21.11
N VAL A 75 17.07 9.33 20.56
CA VAL A 75 17.51 7.98 20.83
C VAL A 75 18.96 7.81 20.37
N LEU A 76 19.24 8.24 19.14
CA LEU A 76 20.57 8.12 18.54
C LEU A 76 21.66 8.77 19.40
N TYR A 77 21.38 9.96 19.92
CA TYR A 77 22.34 10.67 20.76
C TYR A 77 22.47 10.03 22.14
N ASP A 78 21.47 9.25 22.53
CA ASP A 78 21.52 8.54 23.81
C ASP A 78 22.44 7.33 23.70
N GLU A 79 22.56 6.76 22.50
CA GLU A 79 23.44 5.62 22.27
C GLU A 79 24.86 6.09 21.97
N LEU A 80 25.02 7.41 21.82
CA LEU A 80 26.28 8.01 21.41
C LEU A 80 27.49 7.65 22.29
N PRO A 81 27.32 7.61 23.61
CA PRO A 81 28.57 7.34 24.35
C PRO A 81 29.21 5.93 24.21
N HIS A 82 28.64 4.95 23.50
CA HIS A 82 29.21 3.58 23.50
C HIS A 82 29.15 2.84 22.13
N GLN A 83 28.44 3.43 21.16
CA GLN A 83 28.54 3.10 19.73
C GLN A 83 28.21 1.64 19.31
N THR A 84 26.93 1.30 19.21
CA THR A 84 26.53 -0.06 18.84
C THR A 84 26.50 -0.31 17.32
N GLY A 85 26.40 -1.57 16.93
CA GLY A 85 26.25 -1.92 15.53
C GLY A 85 24.78 -1.97 15.15
N LYS A 86 23.93 -2.07 16.15
CA LYS A 86 22.49 -2.19 15.93
C LYS A 86 21.85 -0.88 15.46
N LEU A 87 20.74 -1.01 14.74
CA LEU A 87 20.10 0.13 14.11
C LEU A 87 18.88 0.64 14.89
N ILE A 88 18.48 1.86 14.60
CA ILE A 88 17.23 2.41 15.10
C ILE A 88 16.19 2.41 13.97
N ALA A 89 15.06 1.75 14.21
CA ALA A 89 14.04 1.60 13.20
C ALA A 89 12.85 2.52 13.45
N CYS A 90 12.36 3.16 12.40
CA CYS A 90 11.16 3.99 12.50
C CYS A 90 10.22 3.69 11.32
N THR A 91 9.10 3.05 11.62
CA THR A 91 8.16 2.64 10.59
C THR A 91 7.21 3.76 10.19
N GLN A 92 6.91 3.83 8.90
CA GLN A 92 5.91 4.76 8.38
C GLN A 92 4.90 3.97 7.55
N PRO A 93 3.61 4.35 7.62
CA PRO A 93 2.61 3.60 6.86
C PRO A 93 2.69 3.85 5.35
N ARG A 94 3.35 4.92 4.94
CA ARG A 94 3.43 5.27 3.52
C ARG A 94 4.87 5.34 3.01
N ARG A 95 5.06 5.00 1.74
CA ARG A 95 6.38 5.03 1.12
C ARG A 95 6.89 6.46 0.99
N VAL A 96 6.02 7.36 0.55
CA VAL A 96 6.36 8.76 0.38
C VAL A 96 6.83 9.36 1.69
N ALA A 97 6.19 8.94 2.78
CA ALA A 97 6.56 9.38 4.12
C ALA A 97 7.97 8.95 4.49
N ALA A 98 8.27 7.67 4.28
CA ALA A 98 9.58 7.12 4.63
C ALA A 98 10.70 7.81 3.88
N MET A 99 10.49 8.11 2.60
CA MET A 99 11.49 8.79 1.79
C MET A 99 11.69 10.23 2.23
N SER A 100 10.59 10.95 2.38
CA SER A 100 10.62 12.38 2.67
C SER A 100 11.22 12.68 4.04
N VAL A 101 10.78 11.93 5.05
CA VAL A 101 11.24 12.16 6.42
C VAL A 101 12.72 11.83 6.55
N ALA A 102 13.16 10.74 5.93
CA ALA A 102 14.56 10.34 5.96
C ALA A 102 15.46 11.41 5.37
N GLN A 103 14.99 12.05 4.31
CA GLN A 103 15.74 13.13 3.67
C GLN A 103 15.84 14.33 4.61
N ARG A 104 14.75 14.62 5.31
CA ARG A 104 14.71 15.72 6.26
C ARG A 104 15.68 15.51 7.42
N VAL A 105 15.61 14.33 8.02
CA VAL A 105 16.46 13.98 9.16
C VAL A 105 17.93 13.96 8.75
N ALA A 106 18.19 13.52 7.53
CA ALA A 106 19.54 13.50 6.98
C ALA A 106 20.15 14.91 6.98
N ASP A 107 19.32 15.89 6.62
CA ASP A 107 19.76 17.28 6.64
C ASP A 107 19.93 17.78 8.07
N GLU A 108 19.06 17.32 8.96
CA GLU A 108 19.10 17.74 10.36
C GLU A 108 20.35 17.20 11.06
N LEU A 109 20.84 16.05 10.63
CA LEU A 109 22.06 15.48 11.18
C LEU A 109 23.29 15.88 10.37
N ASP A 110 23.04 16.60 9.27
CA ASP A 110 24.09 17.06 8.37
C ASP A 110 24.91 15.90 7.82
N VAL A 111 24.20 14.83 7.44
CA VAL A 111 24.81 13.70 6.75
C VAL A 111 24.11 13.51 5.42
N LYS A 112 24.68 12.72 4.53
CA LYS A 112 24.04 12.49 3.23
C LYS A 112 23.12 11.28 3.33
N LEU A 113 22.02 11.32 2.59
CA LEU A 113 21.00 10.28 2.66
C LEU A 113 21.49 8.97 2.07
N GLY A 114 21.34 7.89 2.83
CA GLY A 114 21.79 6.59 2.38
C GLY A 114 23.01 6.11 3.12
N GLU A 115 23.54 6.97 3.98
CA GLU A 115 24.68 6.59 4.82
C GLU A 115 24.23 6.55 6.29
N GLU A 116 24.54 7.57 7.09
CA GLU A 116 24.16 7.55 8.50
C GLU A 116 22.64 7.50 8.69
N VAL A 117 21.91 8.28 7.90
CA VAL A 117 20.46 8.21 7.88
C VAL A 117 19.99 7.68 6.53
N GLY A 118 19.22 6.61 6.55
CA GLY A 118 18.75 6.01 5.32
C GLY A 118 17.27 5.65 5.36
N TYR A 119 16.78 5.08 4.27
CA TYR A 119 15.42 4.55 4.26
C TYR A 119 15.36 3.25 3.47
N SER A 120 14.32 2.45 3.75
CA SER A 120 14.15 1.18 3.07
C SER A 120 12.68 0.93 2.75
N ILE A 121 12.37 0.84 1.46
CA ILE A 121 11.04 0.48 0.99
C ILE A 121 11.20 -0.56 -0.11
N ARG A 122 10.08 -0.98 -0.70
CA ARG A 122 10.16 -1.94 -1.80
C ARG A 122 10.86 -1.31 -3.00
N PHE A 123 11.77 -2.08 -3.60
CA PHE A 123 12.53 -1.68 -4.79
C PHE A 123 13.56 -0.58 -4.51
N GLU A 124 13.72 -0.20 -3.24
CA GLU A 124 14.70 0.82 -2.89
C GLU A 124 15.20 0.68 -1.46
N ASN A 125 16.42 0.17 -1.32
CA ASN A 125 17.07 0.06 -0.03
C ASN A 125 18.20 1.07 0.09
N LYS A 126 17.85 2.33 0.30
CA LYS A 126 18.85 3.39 0.41
C LYS A 126 19.47 3.40 1.81
N THR A 127 20.21 2.34 2.11
CA THR A 127 20.96 2.26 3.35
C THR A 127 22.37 1.76 3.04
N SER A 128 23.25 1.80 4.03
CA SER A 128 24.61 1.30 3.87
C SER A 128 25.13 0.75 5.19
N SER A 129 26.42 0.38 5.20
CA SER A 129 27.04 -0.17 6.39
C SER A 129 27.24 0.91 7.47
N LYS A 130 27.00 2.16 7.09
CA LYS A 130 27.17 3.28 8.00
C LYS A 130 25.85 3.76 8.55
N THR A 131 24.78 3.00 8.30
CA THR A 131 23.43 3.41 8.69
C THR A 131 23.13 3.13 10.16
N LEU A 132 22.74 4.16 10.88
CA LEU A 132 22.39 4.05 12.29
C LEU A 132 20.90 4.25 12.48
N LEU A 133 20.30 5.04 11.60
CA LEU A 133 18.88 5.35 11.68
C LEU A 133 18.20 5.06 10.35
N LYS A 134 17.22 4.16 10.36
CA LYS A 134 16.55 3.74 9.13
C LYS A 134 15.03 3.96 9.21
N TYR A 135 14.52 4.84 8.36
CA TYR A 135 13.09 5.01 8.22
C TYR A 135 12.56 4.05 7.17
N MET A 136 11.49 3.34 7.48
CA MET A 136 10.95 2.37 6.52
C MET A 136 9.45 2.20 6.65
N THR A 137 8.87 1.43 5.73
CA THR A 137 7.47 1.10 5.81
C THR A 137 7.29 -0.09 6.75
N ASP A 138 6.15 -0.13 7.43
CA ASP A 138 5.85 -1.21 8.37
C ASP A 138 5.87 -2.57 7.67
N GLY A 139 5.45 -2.58 6.41
CA GLY A 139 5.49 -3.80 5.61
C GLY A 139 6.90 -4.28 5.39
N GLN A 140 7.81 -3.34 5.12
CA GLN A 140 9.21 -3.66 4.88
C GLN A 140 9.86 -4.28 6.11
N LEU A 141 9.54 -3.75 7.28
CA LEU A 141 10.07 -4.28 8.53
C LEU A 141 9.48 -5.66 8.81
N LEU A 142 8.20 -5.82 8.53
CA LEU A 142 7.53 -7.10 8.73
C LEU A 142 8.14 -8.19 7.86
N ARG A 143 8.47 -7.81 6.62
CA ARG A 143 9.11 -8.74 5.69
C ARG A 143 10.48 -9.15 6.21
N GLU A 144 11.18 -8.19 6.79
CA GLU A 144 12.50 -8.42 7.36
C GLU A 144 12.40 -9.39 8.54
N ALA A 145 11.31 -9.29 9.29
CA ALA A 145 11.10 -10.12 10.47
C ALA A 145 10.83 -11.57 10.11
N MET A 146 10.44 -11.82 8.86
CA MET A 146 10.12 -13.17 8.41
C MET A 146 11.38 -13.97 8.10
N HIS A 147 12.53 -13.32 8.25
CA HIS A 147 13.82 -14.01 8.14
C HIS A 147 14.67 -13.73 9.38
N ASP A 148 14.12 -12.93 10.29
CA ASP A 148 14.81 -12.57 11.53
C ASP A 148 13.78 -12.28 12.61
N ARG A 149 13.32 -13.34 13.28
CA ARG A 149 12.25 -13.25 14.26
C ARG A 149 12.58 -12.33 15.43
N ASP A 150 13.82 -12.42 15.91
CA ASP A 150 14.24 -11.61 17.04
C ASP A 150 14.61 -10.19 16.60
N MET A 151 14.71 -10.00 15.29
CA MET A 151 15.09 -8.70 14.71
C MET A 151 16.37 -8.18 15.34
N SER A 152 17.40 -9.02 15.35
CA SER A 152 18.67 -8.74 16.01
C SER A 152 19.37 -7.50 15.47
N ARG A 153 19.01 -7.10 14.24
CA ARG A 153 19.63 -5.94 13.61
C ARG A 153 19.27 -4.63 14.32
N TYR A 154 18.26 -4.69 15.20
CA TYR A 154 17.72 -3.47 15.79
C TYR A 154 17.81 -3.42 17.31
N SER A 155 18.14 -2.24 17.82
CA SER A 155 18.19 -1.99 19.26
C SER A 155 16.97 -1.22 19.70
N CYS A 156 16.38 -0.48 18.77
CA CYS A 156 15.18 0.30 19.04
C CYS A 156 14.27 0.34 17.82
N ILE A 157 13.00 0.01 18.03
CA ILE A 157 12.00 0.09 16.96
C ILE A 157 10.91 1.08 17.31
N ILE A 158 10.72 2.07 16.46
CA ILE A 158 9.71 3.10 16.68
C ILE A 158 8.54 2.94 15.71
N LEU A 159 7.40 2.54 16.23
CA LEU A 159 6.19 2.40 15.42
C LEU A 159 5.46 3.73 15.35
N ASP A 160 5.56 4.39 14.20
CA ASP A 160 4.95 5.69 13.97
C ASP A 160 3.57 5.63 13.33
N GLU A 161 2.73 6.60 13.65
CA GLU A 161 1.37 6.65 13.12
C GLU A 161 0.64 5.33 13.32
N ALA A 162 0.71 4.81 14.54
CA ALA A 162 0.16 3.50 14.86
C ALA A 162 -1.37 3.47 14.81
N HIS A 163 -1.98 4.65 14.82
CA HIS A 163 -3.43 4.78 14.79
C HIS A 163 -4.02 4.26 13.48
N GLU A 164 -3.21 4.23 12.43
CA GLU A 164 -3.66 3.76 11.11
C GLU A 164 -4.06 2.29 11.18
N ARG A 165 -3.40 1.54 12.06
CA ARG A 165 -3.75 0.15 12.33
C ARG A 165 -3.78 -0.71 11.07
N THR A 166 -2.75 -0.58 10.25
CA THR A 166 -2.63 -1.42 9.06
C THR A 166 -2.31 -2.85 9.47
N LEU A 167 -2.48 -3.78 8.53
CA LEU A 167 -2.21 -5.19 8.79
C LEU A 167 -0.79 -5.42 9.30
N ALA A 168 0.17 -4.77 8.66
CA ALA A 168 1.56 -4.86 9.07
C ALA A 168 1.76 -4.32 10.48
N THR A 169 1.17 -3.15 10.74
CA THR A 169 1.27 -2.51 12.05
C THR A 169 0.74 -3.40 13.17
N ASP A 170 -0.41 -4.03 12.93
CA ASP A 170 -1.02 -4.90 13.92
C ASP A 170 -0.18 -6.15 14.18
N ILE A 171 0.33 -6.75 13.12
CA ILE A 171 1.20 -7.92 13.26
C ILE A 171 2.49 -7.54 13.98
N LEU A 172 3.06 -6.40 13.61
CA LEU A 172 4.29 -5.92 14.22
C LEU A 172 4.12 -5.67 15.72
N MET A 173 3.02 -5.03 16.10
CA MET A 173 2.75 -4.75 17.51
C MET A 173 2.65 -6.04 18.33
N ALA A 174 2.09 -7.07 17.71
CA ALA A 174 1.91 -8.35 18.39
C ALA A 174 3.24 -9.10 18.51
N LEU A 175 4.06 -9.03 17.47
CA LEU A 175 5.39 -9.64 17.50
C LEU A 175 6.28 -8.95 18.52
N LEU A 176 6.32 -7.62 18.44
CA LEU A 176 7.18 -6.82 19.31
C LEU A 176 6.80 -6.97 20.77
N LYS A 177 5.51 -7.07 21.06
CA LYS A 177 5.04 -7.26 22.42
C LYS A 177 5.56 -8.57 23.00
N GLN A 178 5.46 -9.64 22.21
CA GLN A 178 5.93 -10.95 22.65
C GLN A 178 7.46 -11.02 22.62
N LEU A 179 8.07 -10.27 21.71
CA LEU A 179 9.52 -10.24 21.59
C LEU A 179 10.15 -9.48 22.76
N SER A 180 9.42 -8.50 23.29
CA SER A 180 9.92 -7.67 24.38
C SER A 180 10.15 -8.47 25.66
N GLU A 181 9.51 -9.63 25.75
CA GLU A 181 9.70 -10.54 26.87
C GLU A 181 10.97 -11.36 26.67
N ARG A 182 11.36 -11.51 25.41
CA ARG A 182 12.52 -12.31 25.04
C ARG A 182 13.79 -11.46 25.03
N ARG A 183 13.66 -10.24 24.51
CA ARG A 183 14.77 -9.30 24.44
C ARG A 183 14.54 -8.10 25.35
N LYS A 184 15.37 -7.95 26.38
CA LYS A 184 15.30 -6.79 27.25
C LYS A 184 16.21 -5.68 26.74
N ASP A 185 16.97 -5.99 25.69
CA ASP A 185 17.85 -5.01 25.06
C ASP A 185 17.17 -4.35 23.87
N LEU A 186 15.85 -4.48 23.79
CA LEU A 186 15.10 -3.91 22.68
C LEU A 186 14.11 -2.85 23.17
N LYS A 187 14.38 -1.60 22.85
CA LYS A 187 13.48 -0.50 23.20
C LYS A 187 12.39 -0.36 22.14
N ILE A 188 11.16 -0.12 22.59
CA ILE A 188 10.04 0.03 21.67
C ILE A 188 9.22 1.29 21.96
N ILE A 189 9.03 2.11 20.94
CA ILE A 189 8.27 3.35 21.08
C ILE A 189 7.11 3.40 20.10
N VAL A 190 5.93 3.76 20.59
CA VAL A 190 4.73 3.85 19.76
C VAL A 190 4.24 5.30 19.70
N MET A 191 4.26 5.89 18.50
CA MET A 191 3.93 7.30 18.34
C MET A 191 2.73 7.55 17.43
N SER A 192 1.95 8.58 17.78
CA SER A 192 0.90 9.12 16.93
C SER A 192 0.29 10.38 17.54
N ALA A 193 -0.26 11.23 16.69
CA ALA A 193 -0.92 12.46 17.15
C ALA A 193 -2.38 12.18 17.47
N THR A 194 -2.91 11.10 16.92
CA THR A 194 -4.31 10.74 17.09
C THR A 194 -4.47 9.31 17.58
N LEU A 195 -3.96 9.03 18.76
CA LEU A 195 -4.00 7.68 19.32
C LEU A 195 -5.17 7.46 20.26
N ASP A 196 -5.40 6.19 20.59
CA ASP A 196 -6.18 5.82 21.77
C ASP A 196 -5.17 5.38 22.81
N ALA A 197 -4.59 6.35 23.50
CA ALA A 197 -3.43 6.15 24.36
C ALA A 197 -3.60 5.02 25.38
N GLN A 198 -4.67 5.10 26.16
CA GLN A 198 -4.95 4.11 27.20
C GLN A 198 -5.04 2.70 26.65
N LYS A 199 -5.58 2.57 25.44
CA LYS A 199 -5.70 1.27 24.79
C LYS A 199 -4.32 0.70 24.45
N PHE A 200 -3.45 1.54 23.89
CA PHE A 200 -2.10 1.13 23.53
C PHE A 200 -1.24 0.88 24.75
N GLN A 201 -1.42 1.72 25.78
CA GLN A 201 -0.73 1.54 27.04
C GLN A 201 -1.05 0.17 27.63
N SER A 202 -2.34 -0.12 27.76
CA SER A 202 -2.82 -1.36 28.34
C SER A 202 -2.35 -2.59 27.57
N TYR A 203 -2.25 -2.45 26.24
CA TYR A 203 -1.83 -3.56 25.40
C TYR A 203 -0.36 -3.90 25.60
N PHE A 204 0.47 -2.88 25.81
CA PHE A 204 1.89 -3.10 26.04
C PHE A 204 2.24 -3.11 27.53
N PHE A 205 1.58 -3.99 28.27
CA PHE A 205 1.87 -4.22 29.69
C PHE A 205 1.78 -2.94 30.52
N ASN A 206 0.71 -2.16 30.31
CA ASN A 206 0.50 -0.89 31.00
C ASN A 206 1.71 0.02 30.87
N ALA A 207 2.14 0.24 29.63
CA ALA A 207 3.32 1.05 29.33
C ALA A 207 3.08 2.53 29.66
N PRO A 208 4.14 3.24 30.04
CA PRO A 208 4.06 4.69 30.35
C PRO A 208 3.65 5.51 29.13
N LEU A 209 3.08 6.68 29.38
CA LEU A 209 2.65 7.58 28.32
C LEU A 209 3.29 8.96 28.46
N LEU A 210 3.92 9.43 27.40
CA LEU A 210 4.47 10.77 27.38
C LEU A 210 3.67 11.65 26.43
N ALA A 211 3.06 12.70 26.98
CA ALA A 211 2.23 13.60 26.17
C ALA A 211 2.85 14.99 26.08
N VAL A 212 3.12 15.43 24.86
CA VAL A 212 3.58 16.79 24.61
C VAL A 212 2.39 17.66 24.24
N PRO A 213 2.11 18.70 25.04
CA PRO A 213 0.91 19.52 24.88
C PRO A 213 1.00 20.55 23.75
N GLY A 214 2.19 21.07 23.49
CA GLY A 214 2.36 22.20 22.59
C GLY A 214 2.04 21.98 21.12
N ARG A 215 1.80 23.08 20.42
CA ARG A 215 1.62 23.08 18.97
C ARG A 215 2.40 24.22 18.34
N THR A 216 3.16 23.92 17.29
CA THR A 216 4.03 24.90 16.64
C THR A 216 3.24 26.08 16.07
N HIS A 217 2.38 25.79 15.10
CA HIS A 217 1.56 26.81 14.47
C HIS A 217 0.09 26.41 14.47
N PRO A 218 -0.80 27.41 14.61
CA PRO A 218 -2.24 27.12 14.64
C PRO A 218 -2.80 26.74 13.28
N VAL A 219 -3.83 25.91 13.27
CA VAL A 219 -4.56 25.60 12.04
C VAL A 219 -6.03 25.96 12.20
N GLU A 220 -6.45 27.02 11.54
CA GLU A 220 -7.83 27.46 11.60
C GLU A 220 -8.71 26.53 10.76
N ILE A 221 -9.78 26.04 11.34
CA ILE A 221 -10.64 25.06 10.68
C ILE A 221 -12.02 25.65 10.35
N PHE A 222 -12.38 25.57 9.08
CA PHE A 222 -13.65 26.14 8.61
C PHE A 222 -14.61 25.04 8.16
N TYR A 223 -15.88 25.22 8.43
CA TYR A 223 -16.91 24.28 8.01
C TYR A 223 -17.91 24.94 7.07
N THR A 224 -18.55 24.13 6.22
CA THR A 224 -19.62 24.62 5.37
C THR A 224 -20.91 24.74 6.18
N PRO A 225 -21.72 25.77 5.89
CA PRO A 225 -22.96 25.98 6.64
C PRO A 225 -23.96 24.85 6.42
N GLU A 226 -23.94 24.27 5.23
CA GLU A 226 -24.83 23.15 4.90
C GLU A 226 -24.10 22.12 4.05
N ALA A 227 -24.65 20.90 4.00
CA ALA A 227 -24.00 19.81 3.31
C ALA A 227 -24.08 19.93 1.79
N GLU A 228 -23.00 19.51 1.13
CA GLU A 228 -22.94 19.46 -0.32
C GLU A 228 -22.94 18.01 -0.77
N ARG A 229 -23.60 17.73 -1.90
CA ARG A 229 -23.75 16.36 -2.36
C ARG A 229 -22.63 15.95 -3.32
N ASP A 230 -22.16 16.90 -4.12
CA ASP A 230 -21.04 16.63 -5.02
C ASP A 230 -19.75 17.19 -4.45
N TYR A 231 -19.00 16.34 -3.75
CA TYR A 231 -17.80 16.77 -3.04
C TYR A 231 -16.65 17.09 -3.99
N VAL A 232 -16.66 16.51 -5.18
CA VAL A 232 -15.64 16.80 -6.17
C VAL A 232 -15.81 18.22 -6.72
N GLU A 233 -17.07 18.58 -6.99
CA GLU A 233 -17.39 19.92 -7.48
C GLU A 233 -17.08 20.97 -6.41
N ALA A 234 -17.41 20.65 -5.16
CA ALA A 234 -17.18 21.56 -4.05
C ALA A 234 -15.68 21.74 -3.79
N ALA A 235 -14.92 20.67 -4.00
CA ALA A 235 -13.47 20.71 -3.82
C ALA A 235 -12.83 21.62 -4.86
N ILE A 236 -13.16 21.37 -6.12
CA ILE A 236 -12.65 22.17 -7.24
C ILE A 236 -13.01 23.64 -7.06
N ARG A 237 -14.24 23.90 -6.62
CA ARG A 237 -14.70 25.27 -6.38
C ARG A 237 -13.90 25.94 -5.26
N THR A 238 -13.63 25.19 -4.20
CA THR A 238 -12.87 25.71 -3.07
C THR A 238 -11.44 26.07 -3.47
N VAL A 239 -10.81 25.19 -4.24
CA VAL A 239 -9.45 25.40 -4.71
C VAL A 239 -9.34 26.65 -5.57
N LEU A 240 -10.29 26.82 -6.49
CA LEU A 240 -10.29 27.97 -7.40
C LEU A 240 -10.55 29.27 -6.65
N GLN A 241 -11.40 29.21 -5.64
CA GLN A 241 -11.72 30.38 -4.83
C GLN A 241 -10.50 30.84 -4.05
N ILE A 242 -9.76 29.89 -3.48
CA ILE A 242 -8.55 30.18 -2.73
C ILE A 242 -7.52 30.89 -3.61
N HIS A 243 -7.27 30.33 -4.79
CA HIS A 243 -6.27 30.87 -5.71
C HIS A 243 -6.65 32.25 -6.21
N ALA A 244 -7.95 32.54 -6.24
CA ALA A 244 -8.44 33.79 -6.81
C ALA A 244 -8.51 34.92 -5.78
N CYS A 245 -8.71 34.58 -4.51
CA CYS A 245 -8.99 35.60 -3.49
C CYS A 245 -8.03 35.59 -2.30
N GLU A 246 -7.58 34.40 -1.90
CA GLU A 246 -6.73 34.26 -0.71
C GLU A 246 -5.29 34.68 -0.97
N PRO A 247 -4.58 35.14 0.07
CA PRO A 247 -3.15 35.46 -0.03
C PRO A 247 -2.31 34.23 -0.35
N GLU A 248 -0.99 34.42 -0.51
CA GLU A 248 -0.10 33.35 -0.93
C GLU A 248 -0.16 32.14 -0.01
N GLY A 249 0.21 30.98 -0.55
CA GLY A 249 0.14 29.73 0.19
C GLY A 249 -0.33 28.59 -0.69
N ASP A 250 0.35 27.45 -0.60
CA ASP A 250 0.03 26.31 -1.44
C ASP A 250 -1.16 25.53 -0.91
N ILE A 251 -1.81 24.77 -1.80
CA ILE A 251 -3.03 24.05 -1.46
C ILE A 251 -2.84 22.54 -1.48
N LEU A 252 -3.36 21.87 -0.45
CA LEU A 252 -3.41 20.41 -0.43
C LEU A 252 -4.86 19.94 -0.47
N LEU A 253 -5.24 19.25 -1.54
CA LEU A 253 -6.60 18.75 -1.69
C LEU A 253 -6.63 17.23 -1.65
N PHE A 254 -7.51 16.67 -0.81
CA PHE A 254 -7.63 15.22 -0.69
C PHE A 254 -8.81 14.69 -1.49
N LEU A 255 -8.55 13.72 -2.35
CA LEU A 255 -9.61 13.02 -3.06
C LEU A 255 -9.45 11.51 -2.87
N THR A 256 -10.33 10.73 -3.51
CA THR A 256 -10.48 9.33 -3.16
C THR A 256 -9.67 8.35 -4.01
N GLY A 257 -9.39 8.72 -5.26
CA GLY A 257 -8.72 7.80 -6.16
C GLY A 257 -8.07 8.43 -7.39
N GLU A 258 -7.29 7.62 -8.10
CA GLU A 258 -6.49 8.06 -9.25
C GLU A 258 -7.28 8.79 -10.33
N GLU A 259 -8.33 8.16 -10.83
CA GLU A 259 -9.10 8.75 -11.93
C GLU A 259 -9.84 10.01 -11.49
N GLU A 260 -10.34 10.00 -10.26
CA GLU A 260 -10.98 11.17 -9.68
C GLU A 260 -9.99 12.33 -9.62
N ILE A 261 -8.77 12.01 -9.21
CA ILE A 261 -7.70 13.00 -9.11
C ILE A 261 -7.28 13.53 -10.47
N GLU A 262 -7.08 12.63 -11.43
CA GLU A 262 -6.66 13.03 -12.77
C GLU A 262 -7.72 13.88 -13.46
N ASP A 263 -8.98 13.61 -13.17
CA ASP A 263 -10.08 14.42 -13.70
C ASP A 263 -10.08 15.79 -13.04
N ALA A 264 -9.86 15.80 -11.72
CA ALA A 264 -9.86 17.03 -10.96
C ALA A 264 -8.73 17.97 -11.40
N CYS A 265 -7.55 17.41 -11.60
CA CYS A 265 -6.39 18.19 -12.03
C CYS A 265 -6.62 18.83 -13.40
N ARG A 266 -7.22 18.07 -14.31
CA ARG A 266 -7.56 18.57 -15.63
C ARG A 266 -8.52 19.75 -15.55
N ARG A 267 -9.54 19.61 -14.70
CA ARG A 267 -10.56 20.64 -14.55
C ARG A 267 -10.03 21.87 -13.84
N ILE A 268 -9.18 21.67 -12.84
CA ILE A 268 -8.56 22.78 -12.13
C ILE A 268 -7.64 23.56 -13.06
N SER A 269 -6.82 22.84 -13.82
CA SER A 269 -5.88 23.46 -14.75
C SER A 269 -6.60 24.25 -15.84
N LEU A 270 -7.72 23.71 -16.33
CA LEU A 270 -8.50 24.38 -17.36
C LEU A 270 -9.06 25.71 -16.86
N GLU A 271 -9.61 25.70 -15.65
CA GLU A 271 -10.19 26.90 -15.06
C GLU A 271 -9.12 27.94 -14.73
N VAL A 272 -8.00 27.47 -14.20
CA VAL A 272 -6.88 28.37 -13.87
C VAL A 272 -6.34 29.05 -15.13
N ASP A 273 -6.17 28.27 -16.19
CA ASP A 273 -5.68 28.78 -17.47
C ASP A 273 -6.56 29.92 -17.99
N GLU A 274 -7.87 29.79 -17.80
CA GLU A 274 -8.80 30.83 -18.22
C GLU A 274 -8.75 32.01 -17.27
N MET A 275 -8.56 31.73 -15.98
CA MET A 275 -8.37 32.78 -14.99
C MET A 275 -7.13 33.60 -15.30
N ILE A 276 -6.06 32.90 -15.67
CA ILE A 276 -4.78 33.54 -15.97
C ILE A 276 -4.86 34.41 -17.23
N ARG A 277 -5.55 33.91 -18.25
CA ARG A 277 -5.62 34.63 -19.52
C ARG A 277 -6.59 35.80 -19.48
N GLU A 278 -7.66 35.69 -18.70
CA GLU A 278 -8.73 36.68 -18.76
C GLU A 278 -9.01 37.43 -17.47
N SER A 279 -8.42 37.00 -16.36
CA SER A 279 -8.72 37.63 -15.07
C SER A 279 -7.50 37.93 -14.21
N ASP A 280 -6.34 38.05 -14.86
CA ASP A 280 -5.09 38.44 -14.19
C ASP A 280 -4.73 37.56 -13.00
N ALA A 281 -5.13 36.30 -13.05
CA ALA A 281 -4.82 35.36 -11.97
C ALA A 281 -3.34 34.97 -12.02
N GLY A 282 -2.80 34.63 -10.85
CA GLY A 282 -1.42 34.17 -10.77
C GLY A 282 -1.29 32.76 -11.31
N PRO A 283 -0.04 32.33 -11.53
CA PRO A 283 0.19 30.96 -12.03
C PRO A 283 -0.09 29.92 -10.96
N MET A 284 -0.52 28.73 -11.38
CA MET A 284 -0.74 27.63 -10.43
C MET A 284 -0.35 26.30 -11.04
N SER A 285 0.68 25.68 -10.46
CA SER A 285 1.09 24.34 -10.86
C SER A 285 0.27 23.30 -10.08
N VAL A 286 -0.19 22.28 -10.78
CA VAL A 286 -1.03 21.25 -10.17
C VAL A 286 -0.33 19.90 -10.19
N TYR A 287 -0.14 19.32 -9.02
CA TYR A 287 0.51 18.02 -8.90
C TYR A 287 -0.45 16.95 -8.40
N PRO A 288 -0.59 15.86 -9.16
CA PRO A 288 -1.33 14.70 -8.69
C PRO A 288 -0.47 13.85 -7.75
N LEU A 289 -1.07 13.23 -6.75
CA LEU A 289 -0.32 12.39 -5.83
C LEU A 289 -1.12 11.17 -5.41
N TYR A 290 -0.67 10.01 -5.85
CA TYR A 290 -1.25 8.74 -5.41
C TYR A 290 -0.24 7.61 -5.54
N GLY A 291 -0.55 6.48 -4.89
CA GLY A 291 0.40 5.40 -4.71
C GLY A 291 1.01 4.76 -5.95
N THR A 292 0.25 4.69 -7.03
CA THR A 292 0.73 4.00 -8.23
C THR A 292 1.66 4.88 -9.07
N LEU A 293 1.86 6.12 -8.64
CA LEU A 293 2.84 6.98 -9.26
C LEU A 293 4.24 6.55 -8.84
N PRO A 294 5.20 6.58 -9.78
CA PRO A 294 6.60 6.31 -9.46
C PRO A 294 7.14 7.32 -8.45
N PRO A 295 8.12 6.91 -7.62
CA PRO A 295 8.69 7.76 -6.58
C PRO A 295 9.20 9.10 -7.11
N HIS A 296 9.73 9.11 -8.32
CA HIS A 296 10.24 10.34 -8.92
C HIS A 296 9.14 11.38 -9.12
N GLN A 297 7.98 10.92 -9.56
CA GLN A 297 6.86 11.82 -9.81
C GLN A 297 6.15 12.19 -8.51
N GLN A 298 6.17 11.29 -7.53
CA GLN A 298 5.63 11.58 -6.21
C GLN A 298 6.43 12.69 -5.53
N GLN A 299 7.75 12.65 -5.70
CA GLN A 299 8.64 13.60 -5.04
C GLN A 299 8.55 15.00 -5.64
N ARG A 300 7.85 15.13 -6.75
CA ARG A 300 7.71 16.42 -7.42
C ARG A 300 6.79 17.38 -6.67
N ILE A 301 6.09 16.86 -5.65
CA ILE A 301 5.20 17.70 -4.87
C ILE A 301 5.97 18.68 -4.00
N PHE A 302 7.27 18.43 -3.84
CA PHE A 302 8.13 19.30 -3.03
C PHE A 302 8.78 20.38 -3.87
N GLU A 303 8.41 20.45 -5.14
CA GLU A 303 8.91 21.51 -6.01
C GLU A 303 8.34 22.86 -5.56
N LYS A 304 9.14 23.91 -5.69
CA LYS A 304 8.74 25.24 -5.28
C LYS A 304 7.62 25.78 -6.16
N ALA A 305 6.69 26.52 -5.55
CA ALA A 305 5.61 27.17 -6.29
C ALA A 305 6.16 28.21 -7.25
N PRO A 306 5.49 28.41 -8.39
CA PRO A 306 5.98 29.38 -9.38
C PRO A 306 5.93 30.82 -8.89
N GLN A 307 6.80 31.65 -9.45
CA GLN A 307 6.82 33.08 -9.14
C GLN A 307 5.65 33.78 -9.80
N PRO A 308 5.26 34.96 -9.28
CA PRO A 308 4.23 35.76 -9.96
C PRO A 308 4.70 36.17 -11.36
N PHE A 309 3.75 36.41 -12.26
CA PHE A 309 4.08 36.78 -13.64
C PHE A 309 4.81 38.13 -13.69
N ARG A 310 4.48 39.00 -12.75
CA ARG A 310 5.07 40.33 -12.67
C ARG A 310 5.18 40.77 -11.22
N PRO A 311 6.14 41.65 -10.91
CA PRO A 311 6.24 42.18 -9.54
C PRO A 311 4.97 42.91 -9.13
N GLY A 312 4.48 42.62 -7.93
CA GLY A 312 3.24 43.20 -7.45
C GLY A 312 2.03 42.44 -7.96
N GLY A 313 2.28 41.45 -8.81
CA GLY A 313 1.21 40.65 -9.39
C GLY A 313 0.64 39.62 -8.43
N ARG A 314 -0.51 39.09 -8.79
CA ARG A 314 -1.17 38.03 -8.03
C ARG A 314 -0.22 36.85 -7.83
N PRO A 315 -0.10 36.37 -6.58
CA PRO A 315 0.88 35.33 -6.24
C PRO A 315 0.69 34.01 -6.97
N GLY A 316 1.80 33.39 -7.34
CA GLY A 316 1.77 32.05 -7.90
C GLY A 316 1.79 31.05 -6.76
N ARG A 317 1.11 29.92 -6.94
CA ARG A 317 1.06 28.91 -5.89
C ARG A 317 0.99 27.50 -6.46
N LYS A 318 1.09 26.52 -5.56
CA LYS A 318 1.11 25.12 -5.93
C LYS A 318 -0.15 24.43 -5.41
N CYS A 319 -0.62 23.41 -6.12
CA CYS A 319 -1.80 22.67 -5.69
C CYS A 319 -1.60 21.16 -5.80
N ILE A 320 -1.54 20.49 -4.67
CA ILE A 320 -1.36 19.06 -4.70
C ILE A 320 -2.69 18.37 -4.50
N VAL A 321 -3.06 17.56 -5.48
CA VAL A 321 -4.29 16.78 -5.42
C VAL A 321 -3.93 15.33 -5.10
N ALA A 322 -4.28 14.89 -3.89
CA ALA A 322 -3.74 13.64 -3.38
C ALA A 322 -4.76 12.69 -2.77
N THR A 323 -4.37 11.43 -2.66
CA THR A 323 -5.10 10.46 -1.86
C THR A 323 -4.67 10.61 -0.40
N ASN A 324 -5.02 9.64 0.43
CA ASN A 324 -4.66 9.71 1.85
C ASN A 324 -3.24 9.17 2.13
N ILE A 325 -2.41 9.13 1.10
CA ILE A 325 -1.00 8.82 1.30
C ILE A 325 -0.27 10.09 1.74
N ALA A 326 -0.95 11.22 1.56
CA ALA A 326 -0.44 12.50 2.01
C ALA A 326 -1.19 12.94 3.27
N GLU A 327 -1.94 12.01 3.85
CA GLU A 327 -2.74 12.29 5.03
C GLU A 327 -1.90 12.35 6.30
N THR A 328 -0.84 11.55 6.34
CA THR A 328 0.01 11.49 7.52
C THR A 328 1.48 11.78 7.21
N SER A 329 2.24 12.10 8.27
CA SER A 329 3.69 12.17 8.25
C SER A 329 4.31 13.29 7.41
N LEU A 330 3.82 13.49 6.20
CA LEU A 330 4.44 14.41 5.26
C LEU A 330 4.48 15.87 5.75
N THR A 331 5.61 16.54 5.51
CA THR A 331 5.72 17.97 5.72
C THR A 331 6.05 18.64 4.39
N ILE A 332 5.04 19.24 3.78
CA ILE A 332 5.21 19.93 2.52
C ILE A 332 5.28 21.43 2.76
N ASP A 333 6.49 21.98 2.72
CA ASP A 333 6.70 23.38 3.04
C ASP A 333 6.05 24.29 2.00
N GLY A 334 5.33 25.31 2.48
CA GLY A 334 4.63 26.23 1.60
C GLY A 334 3.13 26.05 1.64
N ILE A 335 2.70 24.90 2.15
CA ILE A 335 1.27 24.60 2.24
C ILE A 335 0.62 25.41 3.37
N VAL A 336 -0.40 26.18 2.99
CA VAL A 336 -1.16 26.98 3.95
C VAL A 336 -2.59 26.49 4.02
N TYR A 337 -3.13 26.04 2.88
CA TYR A 337 -4.53 25.65 2.78
C TYR A 337 -4.69 24.15 2.55
N VAL A 338 -5.53 23.53 3.37
CA VAL A 338 -5.91 22.13 3.18
C VAL A 338 -7.41 22.05 2.88
N VAL A 339 -7.76 21.34 1.83
CA VAL A 339 -9.16 21.15 1.48
C VAL A 339 -9.57 19.70 1.74
N ASP A 340 -10.51 19.51 2.65
CA ASP A 340 -10.92 18.17 3.09
C ASP A 340 -12.40 17.89 2.79
N PRO A 341 -12.67 17.18 1.68
CA PRO A 341 -14.01 16.76 1.30
C PRO A 341 -14.58 15.69 2.25
N GLY A 342 -13.71 15.05 3.02
CA GLY A 342 -14.13 14.13 4.06
C GLY A 342 -14.37 12.70 3.60
N PHE A 343 -13.76 12.32 2.48
CA PHE A 343 -13.95 10.98 1.94
C PHE A 343 -12.64 10.28 1.62
N SER A 344 -12.68 8.95 1.66
CA SER A 344 -11.55 8.12 1.26
C SER A 344 -12.07 6.77 0.78
N LYS A 345 -11.32 6.13 -0.12
CA LYS A 345 -11.68 4.79 -0.54
C LYS A 345 -11.16 3.80 0.49
N GLN A 346 -12.08 3.02 1.06
CA GLN A 346 -11.72 2.11 2.15
C GLN A 346 -12.08 0.68 1.82
N LYS A 347 -11.33 -0.26 2.40
CA LYS A 347 -11.53 -1.67 2.13
C LYS A 347 -12.57 -2.28 3.06
N ILE A 348 -13.59 -2.92 2.49
CA ILE A 348 -14.59 -3.62 3.26
C ILE A 348 -14.55 -5.11 2.94
N TYR A 349 -14.96 -5.93 3.89
CA TYR A 349 -14.87 -7.38 3.72
C TYR A 349 -16.16 -8.09 4.13
N ASN A 350 -16.62 -8.98 3.27
CA ASN A 350 -17.78 -9.81 3.58
C ASN A 350 -17.32 -11.24 3.88
N PRO A 351 -17.54 -11.69 5.12
CA PRO A 351 -17.17 -13.04 5.56
C PRO A 351 -17.97 -14.12 4.84
N ARG A 352 -19.28 -13.91 4.72
CA ARG A 352 -20.17 -14.78 3.97
C ARG A 352 -19.62 -15.03 2.55
N THR A 353 -19.48 -13.96 1.77
CA THR A 353 -19.23 -14.08 0.33
C THR A 353 -17.76 -14.10 -0.10
N ARG A 354 -16.85 -14.21 0.88
CA ARG A 354 -15.42 -14.37 0.60
C ARG A 354 -14.80 -13.18 -0.17
N VAL A 355 -15.53 -12.08 -0.29
CA VAL A 355 -15.11 -11.02 -1.19
C VAL A 355 -14.71 -9.74 -0.47
N GLU A 356 -13.56 -9.20 -0.86
CA GLU A 356 -13.11 -7.90 -0.39
C GLU A 356 -13.28 -6.90 -1.53
N SER A 357 -13.64 -5.68 -1.18
CA SER A 357 -13.90 -4.65 -2.18
C SER A 357 -13.58 -3.27 -1.64
N LEU A 358 -13.53 -2.30 -2.53
CA LEU A 358 -13.28 -0.92 -2.14
C LEU A 358 -14.56 -0.11 -2.20
N LEU A 359 -14.71 0.83 -1.27
CA LEU A 359 -15.89 1.67 -1.20
C LEU A 359 -15.52 3.06 -0.71
N VAL A 360 -15.98 4.08 -1.43
CA VAL A 360 -15.79 5.46 -0.99
C VAL A 360 -16.69 5.73 0.21
N SER A 361 -16.07 6.04 1.35
CA SER A 361 -16.78 6.20 2.60
C SER A 361 -16.32 7.45 3.33
N PRO A 362 -17.11 7.92 4.31
CA PRO A 362 -16.65 9.03 5.15
C PRO A 362 -15.40 8.65 5.96
N ILE A 363 -14.54 9.63 6.23
CA ILE A 363 -13.35 9.39 7.02
C ILE A 363 -13.64 9.50 8.51
N SER A 364 -12.67 9.15 9.33
CA SER A 364 -12.81 9.26 10.77
C SER A 364 -12.38 10.64 11.26
N LYS A 365 -12.67 10.95 12.52
CA LYS A 365 -12.25 12.22 13.11
C LYS A 365 -10.73 12.31 13.19
N ALA A 366 -10.10 11.16 13.42
CA ALA A 366 -8.65 11.10 13.50
C ALA A 366 -8.02 11.43 12.15
N SER A 367 -8.60 10.89 11.08
CA SER A 367 -8.12 11.18 9.73
C SER A 367 -8.31 12.65 9.40
N ALA A 368 -9.48 13.19 9.74
CA ALA A 368 -9.78 14.59 9.52
C ALA A 368 -8.78 15.48 10.26
N GLN A 369 -8.48 15.12 11.50
CA GLN A 369 -7.52 15.88 12.28
C GLN A 369 -6.15 15.80 11.64
N GLN A 370 -5.81 14.62 11.15
CA GLN A 370 -4.54 14.36 10.48
C GLN A 370 -4.37 15.13 9.18
N ARG A 371 -5.44 15.25 8.40
CA ARG A 371 -5.45 15.93 7.12
C ARG A 371 -5.19 17.42 7.36
N ALA A 372 -5.85 17.96 8.37
CA ALA A 372 -5.65 19.35 8.77
C ALA A 372 -4.21 19.57 9.24
N GLY A 373 -3.64 18.54 9.84
CA GLY A 373 -2.29 18.61 10.39
C GLY A 373 -1.18 18.70 9.35
N ARG A 374 -1.54 18.59 8.08
CA ARG A 374 -0.58 18.75 7.00
C ARG A 374 -0.22 20.23 6.85
N ALA A 375 -1.08 21.09 7.38
CA ALA A 375 -0.79 22.51 7.47
C ALA A 375 -0.41 22.87 8.91
N GLY A 376 -0.04 24.12 9.13
CA GLY A 376 0.32 24.57 10.46
C GLY A 376 1.62 23.98 10.98
N ARG A 377 2.53 23.66 10.05
CA ARG A 377 3.79 23.03 10.42
C ARG A 377 4.95 24.02 10.33
N THR A 378 4.97 24.80 9.25
CA THR A 378 6.02 25.79 9.04
C THR A 378 5.45 27.19 9.28
N ARG A 379 4.15 27.32 9.06
CA ARG A 379 3.46 28.60 9.18
C ARG A 379 2.00 28.33 9.52
N PRO A 380 1.27 29.34 10.02
CA PRO A 380 -0.17 29.14 10.29
C PRO A 380 -0.92 28.63 9.07
N GLY A 381 -1.92 27.79 9.29
CA GLY A 381 -2.65 27.19 8.20
C GLY A 381 -4.15 27.30 8.32
N LYS A 382 -4.83 27.05 7.21
CA LYS A 382 -6.29 26.98 7.21
C LYS A 382 -6.73 25.65 6.61
N CYS A 383 -7.77 25.05 7.19
CA CYS A 383 -8.32 23.81 6.66
C CYS A 383 -9.79 23.97 6.33
N PHE A 384 -10.12 23.80 5.06
CA PHE A 384 -11.51 23.91 4.62
C PHE A 384 -12.17 22.54 4.56
N ARG A 385 -12.95 22.23 5.58
CA ARG A 385 -13.69 20.98 5.63
C ARG A 385 -15.03 21.13 4.94
N LEU A 386 -15.21 20.40 3.84
CA LEU A 386 -16.39 20.52 3.01
C LEU A 386 -17.57 19.75 3.59
N TYR A 387 -17.78 19.94 4.88
CA TYR A 387 -18.92 19.36 5.57
C TYR A 387 -19.18 20.18 6.82
N THR A 388 -20.24 19.83 7.54
CA THR A 388 -20.78 20.69 8.58
C THR A 388 -20.10 20.35 9.89
N GLU A 389 -19.96 21.36 10.76
CA GLU A 389 -19.29 21.20 12.05
C GLU A 389 -20.02 20.17 12.92
N GLU A 390 -21.34 20.15 12.82
CA GLU A 390 -22.12 19.18 13.58
C GLU A 390 -22.10 17.82 12.88
N ALA A 391 -21.91 17.83 11.57
CA ALA A 391 -21.69 16.59 10.82
C ALA A 391 -20.34 16.00 11.21
N PHE A 392 -19.42 16.87 11.64
CA PHE A 392 -18.12 16.44 12.12
C PHE A 392 -18.23 15.77 13.48
N LYS A 393 -18.95 16.41 14.39
CA LYS A 393 -19.03 15.95 15.78
C LYS A 393 -19.94 14.74 15.98
N LYS A 394 -20.99 14.65 15.16
CA LYS A 394 -22.02 13.62 15.37
C LYS A 394 -21.94 12.47 14.37
N GLU A 395 -21.62 12.77 13.12
CA GLU A 395 -21.75 11.80 12.05
C GLU A 395 -20.44 11.04 11.76
N LEU A 396 -19.31 11.65 12.09
CA LEU A 396 -18.01 11.02 11.81
C LEU A 396 -17.56 10.11 12.95
N ILE A 397 -17.04 8.94 12.57
CA ILE A 397 -16.53 7.97 13.53
C ILE A 397 -15.25 8.49 14.18
N GLU A 398 -15.08 8.20 15.48
CA GLU A 398 -13.93 8.66 16.23
C GLU A 398 -12.61 8.10 15.69
N GLN A 399 -12.67 6.87 15.18
CA GLN A 399 -11.47 6.19 14.69
C GLN A 399 -11.83 5.12 13.67
N THR A 400 -11.14 5.11 12.53
CA THR A 400 -11.40 4.12 11.50
C THR A 400 -11.13 2.71 12.01
N TYR A 401 -11.95 1.76 11.57
CA TYR A 401 -11.80 0.36 11.99
C TYR A 401 -10.50 -0.24 11.49
N PRO A 402 -9.88 -1.06 12.33
CA PRO A 402 -8.62 -1.74 11.99
C PRO A 402 -8.74 -2.58 10.73
N GLU A 403 -7.70 -2.55 9.90
CA GLU A 403 -7.71 -3.27 8.62
C GLU A 403 -7.86 -4.78 8.81
N ILE A 404 -7.39 -5.28 9.95
CA ILE A 404 -7.43 -6.71 10.24
C ILE A 404 -8.87 -7.18 10.47
N LEU A 405 -9.78 -6.24 10.72
CA LEU A 405 -11.20 -6.55 10.88
C LEU A 405 -11.95 -6.33 9.57
N ARG A 406 -11.22 -5.97 8.51
CA ARG A 406 -11.83 -5.64 7.24
C ARG A 406 -11.13 -6.29 6.05
N SER A 407 -10.45 -7.41 6.29
CA SER A 407 -9.62 -8.00 5.24
C SER A 407 -9.70 -9.52 5.12
N ASN A 408 -9.25 -10.02 3.99
CA ASN A 408 -8.96 -11.45 3.82
C ASN A 408 -7.66 -11.73 4.55
N LEU A 409 -7.63 -12.79 5.34
CA LEU A 409 -6.49 -13.05 6.20
C LEU A 409 -5.66 -14.26 5.77
N SER A 410 -5.92 -14.76 4.57
CA SER A 410 -5.16 -15.89 4.03
C SER A 410 -3.67 -15.59 4.02
N ASN A 411 -3.31 -14.42 3.49
CA ASN A 411 -1.93 -13.98 3.49
C ASN A 411 -1.44 -13.75 4.92
N THR A 412 -2.20 -12.95 5.66
CA THR A 412 -1.86 -12.59 7.04
C THR A 412 -1.57 -13.80 7.91
N VAL A 413 -2.40 -14.83 7.82
CA VAL A 413 -2.22 -16.05 8.61
C VAL A 413 -0.94 -16.78 8.19
N LEU A 414 -0.70 -16.88 6.89
CA LEU A 414 0.47 -17.58 6.37
C LEU A 414 1.76 -16.97 6.87
N GLU A 415 1.80 -15.64 6.93
CA GLU A 415 2.98 -14.94 7.44
C GLU A 415 3.13 -15.13 8.93
N LEU A 416 2.01 -15.21 9.64
CA LEU A 416 2.04 -15.47 11.08
C LEU A 416 2.66 -16.82 11.40
N LYS A 417 2.35 -17.81 10.57
CA LYS A 417 2.94 -19.14 10.72
C LYS A 417 4.43 -19.10 10.40
N LYS A 418 4.78 -18.34 9.37
CA LYS A 418 6.18 -18.18 8.98
C LYS A 418 6.98 -17.47 10.07
N LEU A 419 6.34 -16.49 10.71
CA LEU A 419 6.95 -15.77 11.81
C LEU A 419 7.07 -16.66 13.05
N GLY A 420 6.48 -17.84 12.97
CA GLY A 420 6.63 -18.84 14.02
C GLY A 420 5.61 -18.72 15.13
N VAL A 421 4.39 -18.36 14.78
CA VAL A 421 3.32 -18.27 15.77
C VAL A 421 2.70 -19.64 15.99
N GLU A 422 3.03 -20.20 17.15
CA GLU A 422 2.62 -21.52 17.59
C GLU A 422 1.10 -21.70 17.70
N ASP A 423 0.43 -20.72 18.31
CA ASP A 423 -1.00 -20.81 18.58
C ASP A 423 -1.70 -19.54 18.09
N LEU A 424 -2.51 -19.71 17.05
CA LEU A 424 -3.22 -18.59 16.45
C LEU A 424 -4.33 -18.06 17.37
N VAL A 425 -4.96 -18.97 18.11
CA VAL A 425 -6.08 -18.59 18.97
C VAL A 425 -5.64 -17.68 20.12
N HIS A 426 -4.49 -17.97 20.71
CA HIS A 426 -4.00 -17.19 21.84
C HIS A 426 -2.98 -16.14 21.43
N PHE A 427 -2.84 -15.91 20.13
CA PHE A 427 -1.95 -14.88 19.63
C PHE A 427 -2.52 -13.50 19.93
N ASP A 428 -1.88 -12.80 20.86
CA ASP A 428 -2.43 -11.56 21.39
C ASP A 428 -2.37 -10.39 20.40
N LEU A 429 -3.34 -10.34 19.50
CA LEU A 429 -3.53 -9.19 18.63
C LEU A 429 -4.34 -8.13 19.38
N MET A 430 -4.05 -6.86 19.12
CA MET A 430 -4.75 -5.78 19.81
C MET A 430 -6.25 -5.84 19.52
N ASP A 431 -6.60 -6.07 18.26
CA ASP A 431 -7.98 -6.31 17.86
C ASP A 431 -8.08 -7.64 17.13
N PRO A 432 -8.53 -8.69 17.82
CA PRO A 432 -8.66 -10.03 17.24
C PRO A 432 -9.76 -10.10 16.18
N PRO A 433 -9.46 -10.66 15.01
CA PRO A 433 -10.46 -10.78 13.94
C PRO A 433 -11.53 -11.81 14.26
N ALA A 434 -12.60 -11.83 13.47
CA ALA A 434 -13.69 -12.76 13.67
C ALA A 434 -13.24 -14.20 13.43
N PRO A 435 -13.63 -15.11 14.33
CA PRO A 435 -13.26 -16.53 14.28
C PRO A 435 -13.53 -17.20 12.94
N GLU A 436 -14.62 -16.79 12.27
CA GLU A 436 -14.98 -17.37 10.98
C GLU A 436 -14.04 -16.88 9.89
N THR A 437 -13.61 -15.63 9.97
CA THR A 437 -12.68 -15.08 8.99
C THR A 437 -11.36 -15.84 9.12
N MET A 438 -10.95 -16.06 10.37
CA MET A 438 -9.72 -16.77 10.68
C MET A 438 -9.72 -18.24 10.26
N MET A 439 -10.83 -18.93 10.51
CA MET A 439 -10.99 -20.32 10.17
C MET A 439 -11.03 -20.52 8.65
N ARG A 440 -11.65 -19.58 7.96
CA ARG A 440 -11.80 -19.67 6.50
C ARG A 440 -10.46 -19.43 5.82
N ALA A 441 -9.62 -18.62 6.44
CA ALA A 441 -8.26 -18.40 5.97
C ALA A 441 -7.44 -19.68 6.13
N LEU A 442 -7.63 -20.34 7.27
CA LEU A 442 -6.94 -21.60 7.56
C LEU A 442 -7.33 -22.69 6.57
N GLU A 443 -8.59 -22.70 6.14
CA GLU A 443 -9.06 -23.74 5.24
C GLU A 443 -8.61 -23.48 3.81
N GLU A 444 -8.48 -22.21 3.42
CA GLU A 444 -7.97 -21.90 2.10
C GLU A 444 -6.50 -22.28 2.01
N LEU A 445 -5.75 -21.94 3.05
CA LEU A 445 -4.33 -22.30 3.12
C LEU A 445 -4.17 -23.81 3.19
N ASN A 446 -5.17 -24.49 3.75
CA ASN A 446 -5.18 -25.95 3.80
C ASN A 446 -5.36 -26.55 2.41
N TYR A 447 -6.27 -25.97 1.63
CA TYR A 447 -6.53 -26.45 0.28
C TYR A 447 -5.33 -26.21 -0.65
N LEU A 448 -4.58 -25.16 -0.36
CA LEU A 448 -3.41 -24.81 -1.18
C LEU A 448 -2.18 -25.62 -0.76
N ALA A 449 -2.38 -26.54 0.18
CA ALA A 449 -1.31 -27.37 0.72
C ALA A 449 -0.17 -26.53 1.31
N CYS A 450 -0.54 -25.38 1.89
CA CYS A 450 0.43 -24.54 2.57
C CYS A 450 0.44 -24.85 4.07
N LEU A 451 -0.63 -25.50 4.53
CA LEU A 451 -0.73 -25.89 5.93
C LEU A 451 -1.13 -27.36 6.06
N ASP A 452 -0.72 -27.99 7.16
CA ASP A 452 -1.14 -29.36 7.46
C ASP A 452 -2.61 -29.37 7.84
N ASP A 453 -3.15 -30.56 8.09
CA ASP A 453 -4.50 -30.69 8.62
C ASP A 453 -4.55 -30.29 10.08
N ASP A 454 -3.37 -30.23 10.70
CA ASP A 454 -3.23 -29.76 12.07
C ASP A 454 -2.81 -28.29 12.09
N GLY A 455 -2.59 -27.75 10.90
CA GLY A 455 -2.37 -26.32 10.73
C GLY A 455 -0.93 -25.86 10.83
N GLU A 456 0.02 -26.78 10.60
CA GLU A 456 1.43 -26.44 10.65
C GLU A 456 1.97 -26.18 9.23
N LEU A 457 2.98 -25.33 9.13
CA LEU A 457 3.54 -24.95 7.84
C LEU A 457 4.06 -26.13 7.02
N THR A 458 3.66 -26.15 5.75
CA THR A 458 4.19 -27.08 4.77
C THR A 458 5.44 -26.45 4.15
N PRO A 459 6.43 -27.27 3.77
CA PRO A 459 7.55 -26.74 2.97
C PRO A 459 7.10 -25.89 1.79
N LEU A 460 5.97 -26.27 1.18
CA LEU A 460 5.36 -25.46 0.13
C LEU A 460 4.90 -24.12 0.68
N GLY A 461 4.25 -24.15 1.84
CA GLY A 461 3.76 -22.95 2.49
C GLY A 461 4.89 -22.04 2.93
N ASN A 462 5.97 -22.65 3.42
CA ASN A 462 7.16 -21.91 3.80
C ASN A 462 7.77 -21.21 2.60
N LEU A 463 7.69 -21.87 1.45
CA LEU A 463 8.22 -21.32 0.20
C LEU A 463 7.30 -20.23 -0.36
N ALA A 464 6.01 -20.38 -0.12
CA ALA A 464 5.02 -19.42 -0.60
C ALA A 464 5.13 -18.09 0.12
N SER A 465 5.51 -18.14 1.40
CA SER A 465 5.62 -16.93 2.22
C SER A 465 6.87 -16.13 1.88
N GLU A 466 7.63 -16.58 0.89
CA GLU A 466 8.84 -15.89 0.46
C GLU A 466 8.54 -14.84 -0.60
N PHE A 467 7.38 -14.97 -1.25
CA PHE A 467 7.01 -14.07 -2.34
C PHE A 467 6.07 -12.96 -1.89
N PRO A 468 6.27 -11.74 -2.42
CA PRO A 468 5.38 -10.61 -2.16
C PRO A 468 4.03 -10.78 -2.85
N LEU A 469 3.42 -11.95 -2.68
CA LEU A 469 2.19 -12.30 -3.35
C LEU A 469 1.21 -12.95 -2.39
N ASP A 470 -0.06 -12.97 -2.76
CA ASP A 470 -1.06 -13.72 -2.01
C ASP A 470 -0.87 -15.21 -2.30
N PRO A 471 -1.08 -16.07 -1.28
CA PRO A 471 -0.84 -17.51 -1.32
C PRO A 471 -1.27 -18.19 -2.62
N ALA A 472 -2.48 -17.89 -3.09
CA ALA A 472 -2.97 -18.47 -4.34
C ALA A 472 -2.07 -18.11 -5.51
N LEU A 473 -1.66 -16.85 -5.56
CA LEU A 473 -0.78 -16.37 -6.62
C LEU A 473 0.63 -16.94 -6.48
N ALA A 474 1.08 -17.08 -5.23
CA ALA A 474 2.40 -17.64 -4.94
C ALA A 474 2.48 -19.11 -5.34
N VAL A 475 1.47 -19.89 -4.94
CA VAL A 475 1.42 -21.31 -5.24
C VAL A 475 1.37 -21.56 -6.74
N MET A 476 0.66 -20.69 -7.47
CA MET A 476 0.62 -20.77 -8.92
C MET A 476 2.00 -20.60 -9.53
N LEU A 477 2.74 -19.63 -9.00
CA LEU A 477 4.09 -19.35 -9.49
C LEU A 477 5.07 -20.47 -9.18
N ILE A 478 4.97 -21.02 -7.97
CA ILE A 478 5.88 -22.06 -7.51
C ILE A 478 5.65 -23.38 -8.24
N SER A 479 4.40 -23.70 -8.54
CA SER A 479 4.06 -24.98 -9.15
C SER A 479 4.09 -24.93 -10.68
N SER A 480 4.42 -23.78 -11.23
CA SER A 480 4.45 -23.58 -12.69
C SER A 480 5.44 -24.46 -13.48
N PRO A 481 6.62 -24.79 -12.91
CA PRO A 481 7.52 -25.67 -13.69
C PRO A 481 6.92 -27.03 -14.03
N GLU A 482 5.96 -27.49 -13.24
CA GLU A 482 5.28 -28.75 -13.50
C GLU A 482 4.47 -28.69 -14.78
N PHE A 483 4.20 -27.48 -15.25
CA PHE A 483 3.41 -27.27 -16.46
C PHE A 483 4.28 -26.72 -17.59
N TYR A 484 5.60 -26.72 -17.36
CA TYR A 484 6.58 -26.33 -18.38
C TYR A 484 6.34 -24.94 -18.95
N CYS A 485 6.05 -23.98 -18.08
CA CYS A 485 5.82 -22.61 -18.51
C CYS A 485 5.99 -21.63 -17.35
N SER A 486 7.04 -21.85 -16.56
CA SER A 486 7.31 -21.02 -15.39
C SER A 486 7.66 -19.58 -15.76
N ASN A 487 8.35 -19.41 -16.89
CA ASN A 487 8.72 -18.08 -17.37
C ASN A 487 7.51 -17.23 -17.72
N GLU A 488 6.52 -17.86 -18.36
CA GLU A 488 5.32 -17.16 -18.79
C GLU A 488 4.41 -16.85 -17.61
N ILE A 489 4.28 -17.82 -16.69
CA ILE A 489 3.50 -17.62 -15.48
C ILE A 489 4.14 -16.53 -14.63
N LEU A 490 5.47 -16.48 -14.63
CA LEU A 490 6.22 -15.44 -13.93
C LEU A 490 5.83 -14.05 -14.43
N SER A 491 5.69 -13.93 -15.75
CA SER A 491 5.29 -12.67 -16.37
C SER A 491 3.83 -12.34 -16.06
N ILE A 492 2.97 -13.36 -16.15
CA ILE A 492 1.55 -13.18 -15.87
C ILE A 492 1.33 -12.83 -14.40
N THR A 493 2.08 -13.50 -13.52
CA THR A 493 2.03 -13.20 -12.10
C THR A 493 2.39 -11.75 -11.84
N SER A 494 3.40 -11.26 -12.56
CA SER A 494 3.85 -9.88 -12.42
C SER A 494 2.77 -8.91 -12.87
N LEU A 495 2.12 -9.22 -13.99
CA LEU A 495 1.09 -8.36 -14.55
C LEU A 495 -0.16 -8.33 -13.67
N LEU A 496 -0.41 -9.42 -12.95
CA LEU A 496 -1.56 -9.50 -12.05
C LEU A 496 -1.31 -8.70 -10.77
N SER A 497 -0.06 -8.35 -10.53
CA SER A 497 0.33 -7.66 -9.30
C SER A 497 0.31 -6.13 -9.46
N VAL A 498 -0.06 -5.67 -10.64
CA VAL A 498 -0.10 -4.25 -10.94
C VAL A 498 -1.50 -3.87 -11.45
N PRO A 499 -1.81 -2.55 -11.49
CA PRO A 499 -3.12 -2.16 -12.05
C PRO A 499 -3.27 -2.53 -13.52
N GLN A 500 -4.48 -2.37 -14.05
CA GLN A 500 -4.77 -2.68 -15.45
C GLN A 500 -3.84 -1.94 -16.39
N ILE A 501 -3.19 -2.68 -17.29
CA ILE A 501 -2.26 -2.08 -18.24
C ILE A 501 -3.02 -1.43 -19.39
N TRP A 502 -4.28 -1.80 -19.54
CA TRP A 502 -5.11 -1.29 -20.63
C TRP A 502 -5.58 0.13 -20.35
N VAL A 503 -5.45 1.00 -21.34
CA VAL A 503 -5.88 2.37 -21.23
C VAL A 503 -7.07 2.64 -22.15
N ARG A 504 -8.17 3.13 -21.59
CA ARG A 504 -9.37 3.37 -22.38
C ARG A 504 -10.02 4.70 -22.02
N PRO A 505 -9.47 5.80 -22.55
CA PRO A 505 -10.02 7.14 -22.30
C PRO A 505 -11.40 7.29 -22.93
N ALA A 506 -12.24 8.14 -22.36
CA ALA A 506 -13.59 8.36 -22.87
C ALA A 506 -13.58 8.91 -24.30
N ASN A 507 -12.53 9.65 -24.63
CA ASN A 507 -12.38 10.27 -25.94
C ASN A 507 -12.39 9.25 -27.07
N ALA A 508 -11.49 8.26 -26.97
CA ALA A 508 -11.39 7.23 -28.00
C ALA A 508 -11.42 5.83 -27.39
N ARG A 509 -12.61 5.39 -27.00
CA ARG A 509 -12.78 4.07 -26.42
C ARG A 509 -12.78 2.99 -27.50
N LYS A 510 -13.27 3.35 -28.69
CA LYS A 510 -13.44 2.37 -29.76
C LYS A 510 -12.15 2.10 -30.53
N ARG A 511 -11.23 3.06 -30.51
CA ARG A 511 -9.92 2.85 -31.09
C ARG A 511 -9.01 2.15 -30.09
N ALA A 512 -9.23 2.42 -28.81
CA ALA A 512 -8.52 1.75 -27.74
C ALA A 512 -8.82 0.25 -27.77
N ASP A 513 -10.08 -0.08 -27.98
CA ASP A 513 -10.50 -1.47 -28.09
C ASP A 513 -10.00 -2.07 -29.41
N GLU A 514 -9.81 -1.21 -30.40
CA GLU A 514 -9.25 -1.65 -31.68
C GLU A 514 -7.80 -2.07 -31.51
N MET A 515 -7.05 -1.30 -30.74
CA MET A 515 -5.64 -1.60 -30.49
C MET A 515 -5.47 -2.77 -29.53
N LYS A 516 -6.43 -2.93 -28.62
CA LYS A 516 -6.40 -4.05 -27.68
C LYS A 516 -6.72 -5.36 -28.40
N ALA A 517 -7.48 -5.26 -29.47
CA ALA A 517 -7.94 -6.44 -30.22
C ALA A 517 -6.81 -7.22 -30.87
N GLN A 518 -5.68 -6.55 -31.12
CA GLN A 518 -4.56 -7.21 -31.78
C GLN A 518 -3.70 -7.98 -30.81
N PHE A 519 -3.92 -7.77 -29.51
CA PHE A 519 -3.26 -8.56 -28.47
C PHE A 519 -4.19 -9.65 -27.97
N ALA A 520 -5.47 -9.54 -28.35
CA ALA A 520 -6.52 -10.40 -27.84
C ALA A 520 -6.30 -11.88 -28.14
N HIS A 521 -6.47 -12.71 -27.11
CA HIS A 521 -6.41 -14.16 -27.29
C HIS A 521 -7.76 -14.78 -26.92
N PRO A 522 -8.34 -15.55 -27.85
CA PRO A 522 -9.69 -16.12 -27.76
C PRO A 522 -9.98 -16.89 -26.47
N ASP A 523 -8.97 -17.50 -25.86
CA ASP A 523 -9.20 -18.43 -24.76
C ASP A 523 -8.87 -17.87 -23.38
N GLY A 524 -8.71 -16.56 -23.24
CA GLY A 524 -8.48 -15.98 -21.94
C GLY A 524 -7.86 -14.59 -21.88
N ASP A 525 -8.07 -13.93 -20.76
CA ASP A 525 -7.51 -12.59 -20.52
C ASP A 525 -6.07 -12.66 -20.07
N HIS A 526 -5.71 -13.75 -19.38
CA HIS A 526 -4.34 -13.95 -18.92
C HIS A 526 -3.38 -14.00 -20.10
N LEU A 527 -3.76 -14.76 -21.12
CA LEU A 527 -2.95 -14.90 -22.33
C LEU A 527 -2.89 -13.58 -23.09
N THR A 528 -3.98 -12.82 -23.06
CA THR A 528 -4.03 -11.52 -23.70
C THR A 528 -3.02 -10.57 -23.06
N LEU A 529 -2.93 -10.63 -21.73
CA LEU A 529 -1.93 -9.87 -20.99
C LEU A 529 -0.52 -10.27 -21.44
N LEU A 530 -0.32 -11.56 -21.59
CA LEU A 530 0.99 -12.11 -21.97
C LEU A 530 1.40 -11.62 -23.36
N ASN A 531 0.43 -11.54 -24.27
CA ASN A 531 0.68 -11.04 -25.62
C ASN A 531 1.09 -9.58 -25.59
N ALA A 532 0.41 -8.80 -24.75
CA ALA A 532 0.72 -7.38 -24.62
C ALA A 532 2.09 -7.16 -24.00
N TYR A 533 2.47 -8.04 -23.08
CA TYR A 533 3.77 -7.94 -22.43
C TYR A 533 4.91 -8.28 -23.38
N HIS A 534 4.74 -9.36 -24.15
CA HIS A 534 5.76 -9.79 -25.11
C HIS A 534 6.00 -8.72 -26.17
N ALA A 535 4.93 -8.11 -26.65
CA ALA A 535 5.03 -7.04 -27.63
C ALA A 535 5.77 -5.84 -27.03
N TYR A 536 5.47 -5.55 -25.77
CA TYR A 536 6.12 -4.47 -25.05
C TYR A 536 7.62 -4.70 -24.93
N LYS A 537 8.00 -5.90 -24.46
CA LYS A 537 9.41 -6.25 -24.33
C LYS A 537 10.07 -6.34 -25.69
N GLY A 538 9.29 -6.71 -26.71
CA GLY A 538 9.79 -6.82 -28.06
C GLY A 538 10.22 -5.48 -28.62
N ALA A 539 9.35 -4.48 -28.47
CA ALA A 539 9.65 -3.13 -28.95
C ALA A 539 10.75 -2.48 -28.11
N GLU A 540 10.83 -2.89 -26.85
CA GLU A 540 11.85 -2.36 -25.93
C GLU A 540 13.24 -2.79 -26.35
N ALA A 541 13.42 -4.09 -26.54
CA ALA A 541 14.70 -4.64 -26.97
C ALA A 541 15.07 -4.13 -28.36
N ARG A 542 14.06 -3.82 -29.15
CA ARG A 542 14.25 -3.31 -30.51
C ARG A 542 14.85 -1.91 -30.48
N GLY A 543 14.65 -1.20 -29.38
CA GLY A 543 15.25 0.11 -29.21
C GLY A 543 14.31 1.27 -29.40
N GLU A 544 13.02 0.96 -29.61
CA GLU A 544 12.01 2.00 -29.73
C GLU A 544 11.76 2.63 -28.37
N ASP A 545 11.30 3.88 -28.35
CA ASP A 545 10.93 4.50 -27.08
C ASP A 545 9.53 4.07 -26.69
N MET A 546 9.41 3.54 -25.48
CA MET A 546 8.20 2.86 -25.05
C MET A 546 7.07 3.81 -24.66
N LYS A 547 7.42 5.03 -24.26
CA LYS A 547 6.41 6.01 -23.85
C LYS A 547 5.44 6.32 -24.97
N LYS A 548 5.97 6.56 -26.17
CA LYS A 548 5.12 6.75 -27.34
C LYS A 548 4.49 5.43 -27.78
N TRP A 549 5.28 4.36 -27.78
CA TRP A 549 4.79 3.04 -28.19
C TRP A 549 3.57 2.63 -27.38
N CYS A 550 3.62 2.88 -26.08
CA CYS A 550 2.49 2.58 -25.20
C CYS A 550 1.29 3.44 -25.54
N HIS A 551 1.53 4.68 -25.95
CA HIS A 551 0.46 5.61 -26.29
C HIS A 551 -0.32 5.18 -27.52
N GLU A 552 0.38 4.84 -28.60
CA GLU A 552 -0.28 4.41 -29.83
C GLU A 552 -0.93 3.04 -29.69
N HIS A 553 -0.53 2.30 -28.66
CA HIS A 553 -1.09 0.98 -28.41
C HIS A 553 -2.05 0.99 -27.23
N PHE A 554 -2.25 2.17 -26.64
CA PHE A 554 -3.15 2.35 -25.50
C PHE A 554 -2.81 1.41 -24.35
N LEU A 555 -1.55 1.43 -23.94
CA LEU A 555 -1.08 0.64 -22.81
C LEU A 555 -0.41 1.55 -21.78
N SER A 556 -0.52 1.21 -20.52
CA SER A 556 0.10 2.02 -19.47
C SER A 556 1.58 1.71 -19.33
N TYR A 557 2.41 2.65 -19.76
CA TYR A 557 3.86 2.53 -19.58
C TYR A 557 4.17 2.47 -18.09
N ARG A 558 3.40 3.21 -17.30
CA ARG A 558 3.56 3.26 -15.86
C ARG A 558 3.42 1.88 -15.22
N HIS A 559 2.36 1.17 -15.58
CA HIS A 559 2.07 -0.13 -14.99
C HIS A 559 2.92 -1.24 -15.60
N LEU A 560 3.18 -1.14 -16.91
CA LEU A 560 4.04 -2.11 -17.58
C LEU A 560 5.45 -2.04 -17.02
N SER A 561 5.92 -0.83 -16.74
CA SER A 561 7.23 -0.63 -16.14
C SER A 561 7.24 -1.13 -14.71
N SER A 562 6.14 -0.93 -14.01
CA SER A 562 6.00 -1.37 -12.62
C SER A 562 6.00 -2.90 -12.54
N ALA A 563 5.41 -3.54 -13.55
CA ALA A 563 5.36 -4.99 -13.61
C ALA A 563 6.76 -5.58 -13.80
N ASP A 564 7.60 -4.88 -14.56
CA ASP A 564 8.96 -5.32 -14.79
C ASP A 564 9.77 -5.34 -13.49
N ASN A 565 9.51 -4.37 -12.61
CA ASN A 565 10.15 -4.33 -11.32
C ASN A 565 9.77 -5.54 -10.48
N VAL A 566 8.47 -5.86 -10.50
CA VAL A 566 7.95 -7.02 -9.79
C VAL A 566 8.55 -8.31 -10.34
N ARG A 567 8.56 -8.44 -11.66
CA ARG A 567 9.07 -9.64 -12.31
C ARG A 567 10.54 -9.88 -11.97
N ALA A 568 11.33 -8.82 -11.93
CA ALA A 568 12.74 -8.91 -11.59
C ALA A 568 12.91 -9.39 -10.14
N GLN A 569 12.07 -8.86 -9.25
CA GLN A 569 12.11 -9.24 -7.85
C GLN A 569 11.71 -10.71 -7.67
N LEU A 570 10.61 -11.08 -8.33
CA LEU A 570 10.10 -12.45 -8.23
C LEU A 570 11.08 -13.46 -8.81
N LYS A 571 11.68 -13.11 -9.95
CA LYS A 571 12.64 -14.00 -10.60
C LYS A 571 13.85 -14.26 -9.71
N LYS A 572 14.33 -13.23 -9.04
CA LYS A 572 15.48 -13.34 -8.14
C LYS A 572 15.16 -14.26 -6.96
N ILE A 573 13.91 -14.25 -6.52
CA ILE A 573 13.47 -15.12 -5.45
C ILE A 573 13.40 -16.57 -5.93
N MET A 574 12.84 -16.77 -7.12
CA MET A 574 12.73 -18.09 -7.71
C MET A 574 14.10 -18.74 -7.91
N GLU A 575 15.04 -17.97 -8.41
CA GLU A 575 16.41 -18.44 -8.62
C GLU A 575 17.08 -18.78 -7.30
N THR A 576 16.79 -17.99 -6.28
CA THR A 576 17.37 -18.18 -4.95
C THR A 576 16.98 -19.52 -4.34
N HIS A 577 15.70 -19.87 -4.47
CA HIS A 577 15.19 -21.09 -3.85
C HIS A 577 15.08 -22.23 -4.85
N GLY A 578 15.90 -22.18 -5.90
CA GLY A 578 16.00 -23.28 -6.85
C GLY A 578 14.75 -23.62 -7.62
N ILE A 579 13.83 -22.68 -7.74
CA ILE A 579 12.64 -22.91 -8.55
C ILE A 579 12.98 -22.78 -10.02
N GLU A 580 12.86 -23.88 -10.75
CA GLU A 580 13.24 -23.98 -12.14
C GLU A 580 12.52 -22.97 -13.03
N LEU A 581 13.26 -22.34 -13.94
CA LEU A 581 12.68 -21.43 -14.92
C LEU A 581 12.73 -22.07 -16.31
N VAL A 582 11.55 -22.43 -16.82
CA VAL A 582 11.46 -23.08 -18.13
C VAL A 582 10.39 -22.48 -19.03
N SER A 583 10.45 -22.83 -20.31
CA SER A 583 9.48 -22.36 -21.29
C SER A 583 9.20 -23.43 -22.33
N THR A 584 8.00 -23.38 -22.89
CA THR A 584 7.64 -24.25 -24.00
C THR A 584 7.71 -23.44 -25.29
N PRO A 585 8.35 -23.99 -26.33
CA PRO A 585 8.43 -23.33 -27.65
C PRO A 585 7.09 -22.80 -28.12
N PHE A 586 7.05 -21.54 -28.53
CA PHE A 586 5.81 -20.83 -28.83
C PHE A 586 4.91 -21.54 -29.83
N HIS A 587 5.50 -22.25 -30.79
CA HIS A 587 4.71 -22.90 -31.83
C HIS A 587 4.29 -24.32 -31.46
N ASP A 588 4.60 -24.74 -30.24
CA ASP A 588 4.13 -26.03 -29.75
C ASP A 588 2.62 -25.97 -29.56
N LYS A 589 1.97 -27.12 -29.68
CA LYS A 589 0.51 -27.19 -29.67
C LYS A 589 -0.04 -26.94 -28.27
N ASN A 590 0.69 -27.43 -27.26
CA ASN A 590 0.25 -27.29 -25.88
C ASN A 590 0.89 -26.08 -25.18
N TYR A 591 1.43 -25.15 -25.97
CA TYR A 591 2.03 -23.95 -25.40
C TYR A 591 1.02 -23.16 -24.59
N TYR A 592 -0.18 -22.99 -25.14
CA TYR A 592 -1.22 -22.21 -24.47
C TYR A 592 -1.93 -23.00 -23.38
N THR A 593 -2.22 -24.27 -23.66
CA THR A 593 -2.94 -25.11 -22.72
C THR A 593 -2.15 -25.32 -21.43
N ASN A 594 -0.83 -25.36 -21.54
CA ASN A 594 0.04 -25.49 -20.38
C ASN A 594 -0.10 -24.30 -19.45
N ILE A 595 -0.12 -23.10 -20.03
CA ILE A 595 -0.27 -21.87 -19.28
C ILE A 595 -1.64 -21.82 -18.59
N ARG A 596 -2.66 -22.25 -19.31
CA ARG A 596 -4.02 -22.27 -18.79
C ARG A 596 -4.17 -23.27 -17.64
N ARG A 597 -3.52 -24.42 -17.78
CA ARG A 597 -3.55 -25.44 -16.73
C ARG A 597 -2.74 -24.99 -15.53
N ALA A 598 -1.69 -24.19 -15.77
CA ALA A 598 -0.83 -23.71 -14.71
C ALA A 598 -1.56 -22.74 -13.79
N LEU A 599 -2.47 -21.96 -14.37
CA LEU A 599 -3.27 -21.01 -13.60
C LEU A 599 -4.10 -21.71 -12.53
N LEU A 600 -4.60 -22.89 -12.88
CA LEU A 600 -5.47 -23.66 -11.99
C LEU A 600 -4.74 -24.21 -10.78
N ALA A 601 -3.42 -24.28 -10.85
CA ALA A 601 -2.62 -24.81 -9.76
C ALA A 601 -2.74 -23.95 -8.51
N GLY A 602 -3.10 -22.69 -8.70
CA GLY A 602 -3.26 -21.77 -7.58
C GLY A 602 -4.66 -21.18 -7.49
N PHE A 603 -5.38 -21.20 -8.61
CA PHE A 603 -6.70 -20.57 -8.67
C PHE A 603 -7.84 -21.57 -8.89
N PHE A 604 -7.65 -22.80 -8.44
CA PHE A 604 -8.67 -23.84 -8.64
C PHE A 604 -9.93 -23.58 -7.81
N MET A 605 -9.83 -22.68 -6.84
CA MET A 605 -10.96 -22.34 -5.99
C MET A 605 -11.74 -21.14 -6.55
N GLN A 606 -11.20 -20.51 -7.59
CA GLN A 606 -11.86 -19.40 -8.24
C GLN A 606 -12.34 -19.79 -9.62
N VAL A 607 -13.27 -20.75 -9.66
CA VAL A 607 -13.82 -21.26 -10.91
C VAL A 607 -15.34 -21.12 -10.93
N ALA A 608 -15.88 -20.74 -12.08
CA ALA A 608 -17.32 -20.58 -12.23
C ALA A 608 -17.86 -21.35 -13.43
N MET A 609 -19.05 -21.93 -13.27
CA MET A 609 -19.70 -22.64 -14.38
C MET A 609 -20.87 -21.83 -14.92
N ARG A 610 -21.07 -21.90 -16.24
CA ARG A 610 -22.20 -21.21 -16.86
C ARG A 610 -23.51 -21.86 -16.40
N GLU A 611 -24.45 -21.03 -15.98
CA GLU A 611 -25.68 -21.50 -15.35
C GLU A 611 -26.52 -22.37 -16.29
N SER A 612 -26.81 -21.87 -17.49
CA SER A 612 -27.53 -22.67 -18.48
C SER A 612 -26.87 -22.58 -19.85
N SER A 613 -27.57 -23.10 -20.86
CA SER A 613 -27.02 -23.19 -22.21
C SER A 613 -26.70 -21.82 -22.81
N ASN A 614 -27.69 -20.93 -22.84
CA ASN A 614 -27.49 -19.60 -23.40
C ASN A 614 -27.60 -18.50 -22.37
N SER A 615 -27.12 -18.80 -21.16
CA SER A 615 -27.09 -17.80 -20.09
C SER A 615 -25.74 -17.11 -20.05
N LYS A 616 -25.74 -15.82 -19.71
CA LYS A 616 -24.49 -15.09 -19.53
C LYS A 616 -24.13 -15.04 -18.05
N VAL A 617 -24.90 -15.75 -17.24
CA VAL A 617 -24.68 -15.82 -15.80
C VAL A 617 -23.83 -17.03 -15.43
N TYR A 618 -22.77 -16.79 -14.66
CA TYR A 618 -21.91 -17.89 -14.21
C TYR A 618 -22.09 -18.15 -12.72
N LYS A 619 -21.79 -19.37 -12.31
CA LYS A 619 -22.00 -19.79 -10.93
C LYS A 619 -20.69 -20.30 -10.33
N THR A 620 -20.19 -19.60 -9.32
CA THR A 620 -18.94 -19.97 -8.66
C THR A 620 -19.06 -21.35 -8.03
N VAL A 621 -17.96 -22.09 -7.96
CA VAL A 621 -17.98 -23.42 -7.36
C VAL A 621 -18.17 -23.33 -5.86
N LYS A 622 -18.75 -24.38 -5.27
CA LYS A 622 -19.04 -24.45 -3.83
C LYS A 622 -20.04 -23.38 -3.38
N ASP A 623 -19.63 -22.10 -3.45
CA ASP A 623 -20.47 -21.00 -2.99
C ASP A 623 -21.72 -20.83 -3.85
N GLU A 624 -21.60 -21.17 -5.14
CA GLU A 624 -22.68 -21.00 -6.11
C GLU A 624 -23.21 -19.57 -6.17
N GLN A 625 -22.29 -18.61 -6.21
CA GLN A 625 -22.65 -17.21 -6.37
C GLN A 625 -22.95 -16.90 -7.83
N LEU A 626 -23.95 -16.05 -8.06
CA LEU A 626 -24.34 -15.66 -9.40
C LEU A 626 -23.55 -14.43 -9.84
N VAL A 627 -22.77 -14.57 -10.91
CA VAL A 627 -21.93 -13.49 -11.40
C VAL A 627 -22.02 -13.31 -12.90
N LEU A 628 -21.53 -12.17 -13.38
CA LEU A 628 -21.38 -11.91 -14.80
C LEU A 628 -19.91 -11.75 -15.13
N ILE A 629 -19.53 -12.00 -16.38
CA ILE A 629 -18.17 -11.74 -16.81
C ILE A 629 -17.98 -10.25 -17.00
N HIS A 630 -16.88 -9.71 -16.46
CA HIS A 630 -16.58 -8.29 -16.58
C HIS A 630 -16.54 -7.87 -18.05
N PRO A 631 -17.19 -6.74 -18.38
CA PRO A 631 -17.34 -6.24 -19.75
C PRO A 631 -16.02 -6.08 -20.51
N SER A 632 -14.92 -5.88 -19.80
CA SER A 632 -13.62 -5.67 -20.44
C SER A 632 -12.94 -6.99 -20.78
N THR A 633 -13.72 -7.99 -21.16
CA THR A 633 -13.17 -9.32 -21.39
C THR A 633 -12.83 -9.58 -22.85
N THR A 634 -11.70 -10.25 -23.06
CA THR A 634 -11.22 -10.55 -24.40
C THR A 634 -12.06 -11.64 -25.07
N VAL A 635 -12.34 -12.71 -24.31
CA VAL A 635 -13.06 -13.85 -24.85
C VAL A 635 -14.45 -13.45 -25.35
N THR A 636 -14.72 -13.76 -26.61
CA THR A 636 -15.99 -13.42 -27.24
C THR A 636 -17.07 -14.43 -26.86
N THR A 637 -16.76 -15.72 -27.07
CA THR A 637 -17.64 -16.80 -26.66
C THR A 637 -16.94 -17.64 -25.60
N PRO A 638 -17.42 -17.58 -24.34
CA PRO A 638 -16.75 -18.24 -23.22
C PRO A 638 -17.21 -19.67 -23.00
N TYR A 639 -16.31 -20.51 -22.50
CA TYR A 639 -16.62 -21.89 -22.16
C TYR A 639 -17.63 -21.95 -21.01
N GLU A 640 -18.15 -23.14 -20.75
CA GLU A 640 -19.03 -23.34 -19.60
C GLU A 640 -18.23 -23.38 -18.30
N TRP A 641 -16.90 -23.42 -18.44
CA TRP A 641 -16.02 -23.41 -17.28
C TRP A 641 -14.90 -22.39 -17.46
N VAL A 642 -14.84 -21.42 -16.55
CA VAL A 642 -13.78 -20.41 -16.59
C VAL A 642 -13.13 -20.24 -15.22
N VAL A 643 -11.90 -19.73 -15.21
CA VAL A 643 -11.22 -19.38 -13.97
C VAL A 643 -10.99 -17.88 -13.92
N TYR A 644 -11.36 -17.25 -12.81
CA TYR A 644 -11.22 -15.81 -12.67
C TYR A 644 -10.16 -15.47 -11.63
N ASN A 645 -9.54 -14.31 -11.79
CA ASN A 645 -8.49 -13.88 -10.88
C ASN A 645 -9.01 -13.01 -9.75
N GLU A 646 -9.86 -12.04 -10.07
CA GLU A 646 -10.41 -11.14 -9.06
C GLU A 646 -11.93 -11.03 -9.13
N PHE A 647 -12.49 -10.53 -8.04
CA PHE A 647 -13.93 -10.34 -7.91
C PHE A 647 -14.16 -8.85 -7.73
N VAL A 648 -15.02 -8.26 -8.56
CA VAL A 648 -15.30 -6.83 -8.44
C VAL A 648 -16.78 -6.53 -8.27
N LEU A 649 -17.07 -5.44 -7.55
CA LEU A 649 -18.44 -5.04 -7.26
C LEU A 649 -18.74 -3.63 -7.75
N THR A 650 -19.26 -3.51 -8.96
CA THR A 650 -19.85 -2.25 -9.42
C THR A 650 -21.30 -2.30 -8.99
N THR A 651 -22.20 -1.72 -9.79
CA THR A 651 -23.63 -1.89 -9.52
C THR A 651 -24.12 -3.22 -10.08
N LYS A 652 -23.17 -4.05 -10.51
CA LYS A 652 -23.43 -5.44 -10.84
C LYS A 652 -22.27 -6.29 -10.31
N GLN A 653 -22.53 -7.56 -10.02
CA GLN A 653 -21.48 -8.43 -9.52
C GLN A 653 -20.72 -9.08 -10.67
N TYR A 654 -19.42 -8.84 -10.74
CA TYR A 654 -18.60 -9.34 -11.83
C TYR A 654 -17.43 -10.21 -11.36
N VAL A 655 -17.05 -11.16 -12.20
CA VAL A 655 -15.74 -11.80 -12.09
C VAL A 655 -14.87 -11.19 -13.18
N ARG A 656 -13.57 -11.09 -12.94
CA ARG A 656 -12.71 -10.33 -13.85
C ARG A 656 -11.47 -11.09 -14.28
N THR A 657 -11.00 -10.80 -15.49
CA THR A 657 -9.84 -11.45 -16.10
C THR A 657 -10.01 -12.97 -16.06
N VAL A 658 -10.92 -13.46 -16.89
CA VAL A 658 -11.25 -14.87 -16.90
C VAL A 658 -10.50 -15.62 -18.00
N THR A 659 -10.39 -16.94 -17.85
CA THR A 659 -9.72 -17.79 -18.83
C THR A 659 -10.50 -19.09 -19.00
N ASN A 660 -10.83 -19.42 -20.24
CA ASN A 660 -11.55 -20.65 -20.53
C ASN A 660 -10.74 -21.89 -20.16
N ILE A 661 -11.33 -22.75 -19.35
CA ILE A 661 -10.69 -23.99 -18.94
C ILE A 661 -11.60 -25.18 -19.21
N ARG A 662 -11.04 -26.38 -19.08
CA ARG A 662 -11.82 -27.60 -19.21
C ARG A 662 -11.94 -28.28 -17.84
N PRO A 663 -13.16 -28.72 -17.49
CA PRO A 663 -13.51 -29.22 -16.15
C PRO A 663 -12.68 -30.43 -15.71
N GLU A 664 -12.13 -31.18 -16.66
CA GLU A 664 -11.32 -32.35 -16.32
C GLU A 664 -9.98 -31.94 -15.71
N TRP A 665 -9.56 -30.71 -16.01
CA TRP A 665 -8.33 -30.17 -15.42
C TRP A 665 -8.49 -29.98 -13.92
N LEU A 666 -9.71 -29.65 -13.49
CA LEU A 666 -9.99 -29.39 -12.08
C LEU A 666 -9.83 -30.65 -11.24
N LEU A 667 -10.28 -31.78 -11.76
CA LEU A 667 -10.18 -33.04 -11.04
C LEU A 667 -8.76 -33.57 -11.05
N GLU A 668 -7.98 -33.15 -12.05
CA GLU A 668 -6.60 -33.59 -12.19
C GLU A 668 -5.68 -32.84 -11.25
N ILE A 669 -5.80 -31.51 -11.23
CA ILE A 669 -4.87 -30.65 -10.52
C ILE A 669 -5.21 -30.50 -9.04
N ALA A 670 -6.51 -30.41 -8.74
CA ALA A 670 -6.95 -30.29 -7.35
C ALA A 670 -8.00 -31.33 -6.98
N PRO A 671 -7.56 -32.58 -6.79
CA PRO A 671 -8.47 -33.71 -6.50
C PRO A 671 -9.12 -33.62 -5.11
N VAL A 672 -8.45 -32.98 -4.16
CA VAL A 672 -8.96 -32.90 -2.80
C VAL A 672 -10.09 -31.88 -2.68
N TYR A 673 -9.87 -30.70 -3.24
CA TYR A 673 -10.91 -29.66 -3.26
C TYR A 673 -12.08 -30.10 -4.13
N TYR A 674 -11.77 -30.85 -5.18
CA TYR A 674 -12.79 -31.29 -6.13
C TYR A 674 -13.14 -32.77 -6.01
N ASP A 675 -13.07 -33.32 -4.79
CA ASP A 675 -13.68 -34.62 -4.58
C ASP A 675 -15.15 -34.34 -4.29
N LEU A 676 -16.04 -35.15 -4.83
CA LEU A 676 -17.44 -34.75 -4.96
C LEU A 676 -18.29 -35.11 -3.76
N SER A 677 -17.69 -35.77 -2.76
CA SER A 677 -18.38 -36.02 -1.51
C SER A 677 -18.62 -34.69 -0.79
N THR A 678 -17.70 -33.75 -1.00
CA THR A 678 -17.80 -32.43 -0.40
C THR A 678 -18.84 -31.57 -1.11
N PHE A 679 -18.91 -31.67 -2.43
CA PHE A 679 -19.93 -30.99 -3.21
C PHE A 679 -21.30 -31.54 -2.84
N GLN A 680 -22.29 -30.65 -2.76
CA GLN A 680 -23.61 -31.04 -2.28
C GLN A 680 -24.76 -30.51 -3.12
N LYS A 681 -25.62 -31.44 -3.56
CA LYS A 681 -26.86 -31.15 -4.28
C LYS A 681 -26.79 -29.98 -5.25
N GLY A 682 -26.00 -30.14 -6.32
CA GLY A 682 -25.84 -29.06 -7.28
C GLY A 682 -25.71 -29.52 -8.71
N GLU A 683 -26.08 -28.63 -9.63
CA GLU A 683 -25.88 -28.88 -11.06
C GLU A 683 -24.39 -28.90 -11.35
N ILE A 684 -23.63 -28.16 -10.56
CA ILE A 684 -22.17 -28.16 -10.66
C ILE A 684 -21.61 -29.52 -10.28
N LYS A 685 -22.23 -30.17 -9.30
CA LYS A 685 -21.82 -31.49 -8.87
C LYS A 685 -22.25 -32.53 -9.88
N ASN A 686 -23.45 -32.33 -10.44
CA ASN A 686 -23.93 -33.18 -11.52
C ASN A 686 -22.95 -33.15 -12.69
N ALA A 687 -22.71 -31.95 -13.21
CA ALA A 687 -21.79 -31.76 -14.32
C ALA A 687 -20.41 -32.33 -14.02
N LEU A 688 -19.88 -32.03 -12.83
CA LEU A 688 -18.58 -32.53 -12.42
C LEU A 688 -18.58 -34.04 -12.29
N THR A 689 -19.72 -34.62 -11.92
CA THR A 689 -19.83 -36.07 -11.81
C THR A 689 -19.73 -36.72 -13.19
N ARG A 690 -20.36 -36.11 -14.18
CA ARG A 690 -20.33 -36.65 -15.52
C ARG A 690 -18.93 -36.67 -16.09
N VAL A 691 -18.22 -35.58 -15.89
CA VAL A 691 -16.85 -35.45 -16.40
C VAL A 691 -15.95 -36.51 -15.79
N ALA A 692 -16.09 -36.76 -14.50
CA ALA A 692 -15.25 -37.75 -13.84
C ALA A 692 -15.50 -39.12 -14.45
N GLU A 693 -16.76 -39.44 -14.69
CA GLU A 693 -17.10 -40.73 -15.27
C GLU A 693 -16.52 -40.83 -16.67
N LYS A 694 -16.59 -39.74 -17.42
CA LYS A 694 -16.05 -39.74 -18.77
C LYS A 694 -14.55 -39.98 -18.73
N ILE A 695 -13.89 -39.36 -17.77
CA ILE A 695 -12.45 -39.51 -17.63
C ILE A 695 -12.12 -40.97 -17.30
N ARG A 696 -12.92 -41.57 -16.43
CA ARG A 696 -12.71 -42.97 -16.07
C ARG A 696 -12.87 -43.85 -17.30
N ARG A 697 -13.86 -43.53 -18.12
CA ARG A 697 -14.11 -44.30 -19.34
C ARG A 697 -12.92 -44.19 -20.27
N GLN A 698 -12.35 -42.98 -20.37
CA GLN A 698 -11.21 -42.75 -21.23
C GLN A 698 -10.01 -43.54 -20.72
N GLN A 699 -10.22 -44.25 -19.61
CA GLN A 699 -9.16 -45.04 -19.01
C GLN A 699 -8.69 -46.15 -19.95
N ALA A 700 -9.63 -46.77 -20.64
CA ALA A 700 -9.33 -47.85 -21.58
C ALA A 700 -8.10 -47.52 -22.44
#